data_6ZRD
#
_entry.id   6ZRD
#
_cell.length_a   74.400
_cell.length_b   59.970
_cell.length_c   100.220
_cell.angle_alpha   90.000
_cell.angle_beta   93.830
_cell.angle_gamma   90.000
#
_symmetry.space_group_name_H-M   'P 1 21 1'
#
loop_
_entity.id
_entity.type
_entity.pdbx_description
1 polymer 'Histone-binding protein RBBP4'
2 polymer 'macrocyclic peptide based on residues 659-672 of the metastasis-associated protein MTA1'
3 non-polymer 1,3,5-trimethylbenzene
4 water water
#
loop_
_entity_poly.entity_id
_entity_poly.type
_entity_poly.pdbx_seq_one_letter_code
_entity_poly.pdbx_strand_id
1 'polypeptide(L)'
;MADKEAAFDDAVEERVINEEYKIWKKNTPFLYDLVMTHALEWPSLTAQWLPDVTRPEGKDFSIHRLVLGTHTSDEQNHLV
IASVQLPNDDAQFDASHYDSEKGEFGGFGSVSGKIEIEIKINHEGEVNRARYMPQNPCIIATKTPSSDVLVFDYTKHPSK
PDPSGECNPDLRLRGHQKEGYGLSWNPNLSGHLLSASDDHTICLWDISAVPKEGKVVDAKTIFTGHTAVVEDVSWHLLHE
SLFGSVADDQKLMIWDTRSNNTSKPSHSVDAHTAEVNCLSFNPYSEFILATGSADKTVALWDLRNLKLKLHSFESHKDEI
FQVQWSPHNETILASSGTDRRLNVWDLSKIGEEQSPEDAEDGPPELLFIHGGHTAKISDFSWNPNEPWVICSVSEDNIMQ
VWQMAENIYNDEDPEGSVDPEGQGS
;
A,B
2 'polypeptide(L)' (ACE)CTKRCARRPYKPCA(NH2) P,Q
#
loop_
_chem_comp.id
_chem_comp.type
_chem_comp.name
_chem_comp.formula
ACE non-polymer 'ACETYL GROUP' 'C2 H4 O'
NH2 non-polymer 'AMINO GROUP' 'H2 N'
SEZ non-polymer 1,3,5-trimethylbenzene 'C9 H12'
#
# COMPACT_ATOMS: atom_id res chain seq x y z
N MET A 1 -19.29 -17.05 17.18
CA MET A 1 -18.90 -17.25 18.58
C MET A 1 -17.96 -16.15 19.06
N ALA A 2 -16.84 -15.97 18.34
CA ALA A 2 -15.90 -14.91 18.67
C ALA A 2 -16.42 -13.55 18.22
N ASP A 3 -17.12 -13.50 17.10
CA ASP A 3 -17.78 -12.28 16.64
C ASP A 3 -19.15 -12.08 17.28
N LYS A 4 -19.68 -13.11 17.96
CA LYS A 4 -20.95 -12.96 18.68
C LYS A 4 -20.75 -12.12 19.95
N GLU A 5 -19.73 -12.44 20.74
CA GLU A 5 -19.43 -11.68 21.94
C GLU A 5 -18.75 -10.35 21.66
N ALA A 6 -18.15 -10.20 20.48
CA ALA A 6 -17.58 -8.91 20.09
C ALA A 6 -18.68 -7.93 19.67
N ALA A 7 -19.72 -8.42 19.00
CA ALA A 7 -20.88 -7.60 18.68
C ALA A 7 -21.79 -7.36 19.88
N PHE A 8 -21.71 -8.23 20.90
CA PHE A 8 -22.39 -7.98 22.16
C PHE A 8 -21.72 -6.85 22.93
N ASP A 9 -20.38 -6.79 22.90
CA ASP A 9 -19.66 -5.75 23.60
C ASP A 9 -19.74 -4.41 22.88
N ASP A 10 -19.85 -4.43 21.56
CA ASP A 10 -20.01 -3.19 20.80
C ASP A 10 -21.40 -2.61 20.91
N ALA A 11 -22.42 -3.44 21.16
CA ALA A 11 -23.78 -2.94 21.26
C ALA A 11 -24.12 -2.41 22.65
N VAL A 12 -23.48 -2.94 23.70
CA VAL A 12 -23.63 -2.41 25.05
C VAL A 12 -22.94 -1.05 25.17
N GLU A 13 -21.75 -0.94 24.58
CA GLU A 13 -20.95 0.27 24.64
C GLU A 13 -21.50 1.38 23.76
N GLU A 14 -22.26 1.06 22.70
CA GLU A 14 -22.89 2.07 21.85
C GLU A 14 -24.03 2.80 22.54
N ARG A 15 -24.70 2.16 23.49
CA ARG A 15 -25.69 2.85 24.31
C ARG A 15 -25.03 3.69 25.40
N VAL A 16 -23.81 3.34 25.80
CA VAL A 16 -23.04 4.15 26.74
C VAL A 16 -22.53 5.41 26.03
N ILE A 17 -22.17 5.28 24.75
CA ILE A 17 -21.68 6.36 23.89
C ILE A 17 -22.79 7.38 23.59
N ASN A 18 -24.00 6.88 23.28
CA ASN A 18 -25.13 7.75 22.96
C ASN A 18 -25.71 8.43 24.19
N GLU A 19 -25.54 7.82 25.36
CA GLU A 19 -25.92 8.51 26.58
C GLU A 19 -24.87 9.53 27.01
N GLU A 20 -23.59 9.30 26.67
CA GLU A 20 -22.54 10.25 27.00
C GLU A 20 -22.52 11.46 26.07
N TYR A 21 -22.98 11.31 24.83
CA TYR A 21 -22.92 12.40 23.85
C TYR A 21 -23.99 13.46 24.11
N LYS A 22 -25.18 13.05 24.54
CA LYS A 22 -26.26 14.01 24.78
C LYS A 22 -26.07 14.77 26.08
N ILE A 23 -25.36 14.20 27.06
CA ILE A 23 -25.03 14.93 28.27
C ILE A 23 -23.91 15.95 27.98
N TRP A 24 -22.98 15.57 27.07
CA TRP A 24 -21.91 16.47 26.61
C TRP A 24 -22.47 17.61 25.76
N LYS A 25 -23.51 17.34 24.97
CA LYS A 25 -24.14 18.37 24.14
C LYS A 25 -24.95 19.36 24.98
N LYS A 26 -25.44 18.93 26.16
CA LYS A 26 -26.03 19.89 27.09
C LYS A 26 -24.98 20.72 27.82
N ASN A 27 -23.78 20.19 28.02
CA ASN A 27 -22.74 20.89 28.78
C ASN A 27 -21.82 21.75 27.91
N THR A 28 -21.99 21.68 26.58
CA THR A 28 -21.20 22.50 25.65
C THR A 28 -21.23 24.03 25.75
N PRO A 29 -22.29 24.76 26.21
CA PRO A 29 -22.10 26.22 26.42
C PRO A 29 -21.24 26.58 27.61
N PHE A 30 -21.11 25.72 28.61
CA PHE A 30 -20.31 26.06 29.78
C PHE A 30 -18.89 25.51 29.70
N LEU A 31 -18.56 24.74 28.67
CA LEU A 31 -17.23 24.15 28.59
C LEU A 31 -16.35 24.74 27.50
N TYR A 32 -16.93 25.40 26.50
CA TYR A 32 -16.20 25.78 25.31
C TYR A 32 -16.40 27.25 24.99
N ASP A 33 -15.43 27.82 24.27
CA ASP A 33 -15.62 29.08 23.58
C ASP A 33 -15.84 28.90 22.09
N LEU A 34 -15.67 27.68 21.58
CA LEU A 34 -15.86 27.34 20.17
C LEU A 34 -16.14 25.84 20.06
N VAL A 35 -17.21 25.48 19.35
CA VAL A 35 -17.47 24.10 18.92
C VAL A 35 -17.82 24.15 17.44
N MET A 36 -17.03 23.48 16.61
CA MET A 36 -17.33 23.34 15.18
C MET A 36 -17.29 21.84 14.86
N THR A 37 -18.45 21.20 14.83
CA THR A 37 -18.55 19.79 14.49
C THR A 37 -18.87 19.67 12.99
N HIS A 38 -17.98 19.02 12.25
CA HIS A 38 -18.17 18.80 10.82
C HIS A 38 -18.10 17.31 10.53
N ALA A 39 -19.15 16.78 9.88
CA ALA A 39 -19.14 15.40 9.42
C ALA A 39 -18.41 15.32 8.08
N LEU A 40 -17.27 14.63 8.06
CA LEU A 40 -16.48 14.50 6.85
C LEU A 40 -17.07 13.46 5.92
N GLU A 41 -16.52 13.41 4.70
CA GLU A 41 -16.96 12.44 3.71
C GLU A 41 -16.44 11.04 4.03
N TRP A 42 -15.19 10.95 4.43
CA TRP A 42 -14.50 9.72 4.80
C TRP A 42 -13.74 9.97 6.09
N PRO A 43 -13.45 8.92 6.90
CA PRO A 43 -12.66 9.14 8.13
C PRO A 43 -11.21 9.47 7.85
N SER A 44 -10.64 10.29 8.72
CA SER A 44 -9.26 10.74 8.59
C SER A 44 -8.42 10.07 9.66
N LEU A 45 -7.33 9.42 9.24
CA LEU A 45 -6.37 8.90 10.21
C LEU A 45 -5.38 9.96 10.66
N THR A 46 -5.28 11.09 9.93
CA THR A 46 -4.32 12.14 10.23
C THR A 46 -5.00 13.50 10.28
N ALA A 47 -4.40 14.42 11.04
CA ALA A 47 -4.81 15.81 11.10
C ALA A 47 -3.61 16.65 11.52
N GLN A 48 -3.30 17.66 10.72
CA GLN A 48 -2.28 18.64 11.11
C GLN A 48 -2.62 19.99 10.49
N TRP A 49 -2.56 21.04 11.30
CA TRP A 49 -2.78 22.40 10.81
C TRP A 49 -1.58 22.87 10.02
N LEU A 50 -1.85 23.43 8.83
CA LEU A 50 -0.84 24.18 8.10
C LEU A 50 -0.53 25.49 8.84
N PRO A 51 0.73 25.93 8.90
CA PRO A 51 1.09 27.04 9.79
C PRO A 51 0.73 28.42 9.23
N ASP A 52 0.37 28.52 7.97
CA ASP A 52 0.02 29.79 7.36
C ASP A 52 -1.42 30.15 7.71
N VAL A 53 -1.65 31.44 7.93
CA VAL A 53 -2.99 31.98 8.19
C VAL A 53 -3.13 33.25 7.34
N THR A 54 -4.19 33.31 6.54
CA THR A 54 -4.51 34.51 5.79
C THR A 54 -5.64 35.23 6.51
N ARG A 55 -5.38 36.48 6.91
CA ARG A 55 -6.34 37.31 7.62
C ARG A 55 -6.87 38.43 6.72
N PRO A 56 -8.13 38.37 6.26
CA PRO A 56 -8.66 39.47 5.45
C PRO A 56 -9.00 40.68 6.31
N GLU A 57 -8.72 41.87 5.76
CA GLU A 57 -8.89 43.13 6.48
C GLU A 57 -10.37 43.51 6.55
N GLY A 58 -10.81 43.91 7.74
CA GLY A 58 -12.19 44.27 7.95
C GLY A 58 -13.09 43.13 8.40
N LYS A 59 -12.63 41.90 8.33
CA LYS A 59 -13.43 40.74 8.71
C LYS A 59 -12.98 40.21 10.05
N ASP A 60 -13.92 39.60 10.77
CA ASP A 60 -13.66 39.09 12.11
C ASP A 60 -13.14 37.65 12.12
N PHE A 61 -12.91 37.06 10.95
CA PHE A 61 -12.39 35.70 10.85
C PHE A 61 -11.10 35.69 10.06
N SER A 62 -10.46 34.52 10.05
CA SER A 62 -9.28 34.27 9.23
C SER A 62 -9.35 32.84 8.70
N ILE A 63 -8.57 32.58 7.66
CA ILE A 63 -8.57 31.30 6.97
C ILE A 63 -7.37 30.47 7.43
N HIS A 64 -7.65 29.36 8.10
CA HIS A 64 -6.63 28.41 8.52
C HIS A 64 -6.82 27.13 7.74
N ARG A 65 -5.72 26.39 7.55
CA ARG A 65 -5.76 25.21 6.70
C ARG A 65 -5.27 23.99 7.46
N LEU A 66 -5.71 22.82 6.99
CA LEU A 66 -5.48 21.53 7.63
C LEU A 66 -4.98 20.51 6.61
N VAL A 67 -4.14 19.60 7.07
CA VAL A 67 -3.70 18.48 6.25
C VAL A 67 -4.48 17.25 6.70
N LEU A 68 -5.31 16.71 5.82
CA LEU A 68 -6.16 15.58 6.15
C LEU A 68 -5.90 14.44 5.19
N GLY A 69 -6.30 13.24 5.61
CA GLY A 69 -6.27 12.06 4.76
C GLY A 69 -7.63 11.40 4.76
N THR A 70 -7.73 10.34 3.99
CA THR A 70 -8.93 9.52 3.97
C THR A 70 -8.58 8.10 4.35
N HIS A 71 -9.52 7.41 4.98
CA HIS A 71 -9.34 6.02 5.41
C HIS A 71 -10.50 5.21 4.84
N THR A 72 -10.39 4.89 3.55
CA THR A 72 -11.38 4.07 2.85
C THR A 72 -10.72 2.77 2.44
N SER A 73 -11.51 1.71 2.40
CA SER A 73 -11.04 0.45 1.85
C SER A 73 -11.35 0.33 0.38
N ASP A 74 -12.04 1.31 -0.21
CA ASP A 74 -12.19 1.40 -1.65
C ASP A 74 -11.02 2.17 -2.23
N GLU A 75 -10.88 2.10 -3.55
CA GLU A 75 -9.72 2.68 -4.23
C GLU A 75 -10.02 4.07 -4.75
N GLN A 76 -10.31 4.99 -3.82
CA GLN A 76 -10.37 6.41 -4.15
C GLN A 76 -9.89 7.24 -2.97
N ASN A 77 -8.78 6.84 -2.36
CA ASN A 77 -8.27 7.55 -1.19
C ASN A 77 -7.53 8.82 -1.61
N HIS A 78 -7.61 9.83 -0.75
CA HIS A 78 -7.16 11.16 -1.10
C HIS A 78 -6.30 11.80 -0.02
N LEU A 79 -5.27 12.51 -0.44
CA LEU A 79 -4.58 13.49 0.40
C LEU A 79 -5.33 14.82 0.27
N VAL A 80 -5.84 15.32 1.39
CA VAL A 80 -6.83 16.39 1.40
C VAL A 80 -6.26 17.59 2.16
N ILE A 81 -6.21 18.76 1.50
CA ILE A 81 -6.02 20.03 2.17
C ILE A 81 -7.37 20.73 2.28
N ALA A 82 -7.81 21.00 3.50
CA ALA A 82 -9.07 21.67 3.79
C ALA A 82 -8.79 23.10 4.26
N SER A 83 -9.86 23.89 4.40
CA SER A 83 -9.75 25.27 4.86
C SER A 83 -10.83 25.55 5.89
N VAL A 84 -10.42 26.09 7.05
CA VAL A 84 -11.29 26.35 8.19
C VAL A 84 -11.39 27.85 8.39
N GLN A 85 -12.62 28.35 8.54
CA GLN A 85 -12.83 29.73 8.97
C GLN A 85 -12.90 29.73 10.50
N LEU A 86 -11.87 30.26 11.12
CA LEU A 86 -11.65 30.49 12.54
C LEU A 86 -11.75 31.97 12.87
N PRO A 87 -12.42 32.35 13.96
CA PRO A 87 -12.49 33.76 14.33
C PRO A 87 -11.19 34.24 14.94
N ASN A 88 -10.93 35.54 14.79
CA ASN A 88 -9.74 36.13 15.36
C ASN A 88 -9.92 36.37 16.86
N ASP A 89 -8.80 36.64 17.53
CA ASP A 89 -8.84 36.89 18.96
C ASP A 89 -9.27 38.31 19.30
N ASP A 90 -9.27 39.22 18.32
CA ASP A 90 -9.85 40.54 18.45
C ASP A 90 -11.29 40.61 17.94
N ALA A 91 -12.00 39.48 17.90
CA ALA A 91 -13.38 39.44 17.45
C ALA A 91 -14.31 39.25 18.64
N GLN A 92 -15.55 39.74 18.47
CA GLN A 92 -16.52 39.75 19.56
C GLN A 92 -17.14 38.37 19.75
N PHE A 93 -17.25 37.95 21.00
CA PHE A 93 -17.93 36.70 21.33
C PHE A 93 -19.43 36.88 21.21
N ASP A 94 -20.09 35.94 20.53
CA ASP A 94 -21.54 35.97 20.35
C ASP A 94 -22.04 34.53 20.25
N ALA A 95 -23.19 34.35 19.63
CA ALA A 95 -23.77 33.03 19.38
C ALA A 95 -23.37 32.47 18.01
N SER A 96 -22.35 33.03 17.36
CA SER A 96 -21.79 32.48 16.13
C SER A 96 -20.99 31.21 16.37
N HIS A 97 -20.51 31.00 17.61
CA HIS A 97 -19.89 29.77 18.04
C HIS A 97 -20.95 28.73 18.40
N TYR A 98 -20.46 27.55 18.82
CA TYR A 98 -21.23 26.31 19.19
C TYR A 98 -22.10 25.76 18.07
N ASP A 99 -21.73 26.03 16.79
CA ASP A 99 -22.50 25.79 15.56
C ASP A 99 -23.94 26.30 15.63
N SER A 100 -24.10 27.51 16.17
CA SER A 100 -25.42 28.08 16.45
C SER A 100 -25.67 29.28 15.55
N GLU A 101 -26.95 29.49 15.25
CA GLU A 101 -27.39 30.64 14.47
C GLU A 101 -28.63 31.29 15.06
N LYS A 102 -29.13 30.82 16.19
CA LYS A 102 -30.26 31.46 16.86
C LYS A 102 -29.76 32.70 17.59
N GLY A 103 -30.41 33.84 17.32
CA GLY A 103 -30.00 35.08 17.95
C GLY A 103 -30.46 35.19 19.39
N GLU A 104 -29.82 36.08 20.13
CA GLU A 104 -30.08 36.25 21.55
C GLU A 104 -31.21 37.22 21.86
N PHE A 105 -31.91 37.73 20.85
CA PHE A 105 -33.04 38.64 21.03
C PHE A 105 -34.25 38.21 20.21
N GLY A 106 -34.33 36.92 19.88
CA GLY A 106 -35.49 36.37 19.18
C GLY A 106 -35.40 36.40 17.67
N GLY A 107 -34.28 35.92 17.12
CA GLY A 107 -34.11 35.90 15.69
C GLY A 107 -32.81 35.29 15.23
N PHE A 108 -32.11 35.94 14.31
CA PHE A 108 -30.84 35.47 13.78
C PHE A 108 -29.69 36.23 14.43
N GLY A 109 -28.63 35.50 14.77
CA GLY A 109 -27.41 36.10 15.28
C GLY A 109 -26.37 36.29 14.20
N SER A 110 -25.46 35.34 14.08
CA SER A 110 -24.42 35.39 13.06
C SER A 110 -24.18 33.97 12.54
N VAL A 111 -23.45 33.88 11.44
CA VAL A 111 -23.15 32.59 10.82
C VAL A 111 -21.90 32.00 11.49
N SER A 112 -21.76 30.68 11.39
CA SER A 112 -20.58 30.00 11.88
C SER A 112 -19.55 29.87 10.76
N GLY A 113 -18.34 29.47 11.13
CA GLY A 113 -17.29 29.23 10.15
C GLY A 113 -17.52 27.93 9.39
N LYS A 114 -17.17 27.95 8.10
CA LYS A 114 -17.44 26.83 7.22
C LYS A 114 -16.14 26.13 6.85
N ILE A 115 -16.25 24.83 6.58
CA ILE A 115 -15.12 23.97 6.24
C ILE A 115 -15.37 23.40 4.85
N GLU A 116 -14.46 23.72 3.92
CA GLU A 116 -14.53 23.21 2.56
C GLU A 116 -13.20 22.52 2.21
N ILE A 117 -13.20 21.85 1.07
CA ILE A 117 -12.07 21.05 0.61
C ILE A 117 -11.43 21.80 -0.55
N GLU A 118 -10.12 22.06 -0.45
CA GLU A 118 -9.43 22.80 -1.50
C GLU A 118 -8.78 21.87 -2.51
N ILE A 119 -7.87 21.01 -2.06
CA ILE A 119 -7.03 20.19 -2.93
C ILE A 119 -7.29 18.72 -2.60
N LYS A 120 -7.55 17.91 -3.62
CA LYS A 120 -7.56 16.46 -3.50
C LYS A 120 -6.53 15.88 -4.46
N ILE A 121 -5.62 15.06 -3.92
CA ILE A 121 -4.55 14.39 -4.68
C ILE A 121 -4.75 12.90 -4.47
N ASN A 122 -4.71 12.12 -5.57
CA ASN A 122 -4.82 10.66 -5.51
C ASN A 122 -3.63 10.04 -4.80
N HIS A 123 -3.90 8.96 -4.04
CA HIS A 123 -2.95 8.37 -3.12
C HIS A 123 -3.06 6.85 -3.19
N GLU A 124 -1.91 6.17 -3.15
CA GLU A 124 -1.84 4.71 -3.19
C GLU A 124 -2.24 4.15 -1.84
N GLY A 125 -3.52 3.84 -1.69
CA GLY A 125 -4.03 3.39 -0.41
C GLY A 125 -4.30 4.56 0.52
N GLU A 126 -4.73 4.21 1.73
CA GLU A 126 -5.17 5.20 2.70
C GLU A 126 -3.99 5.93 3.34
N VAL A 127 -4.24 7.18 3.74
CA VAL A 127 -3.21 8.02 4.34
C VAL A 127 -3.12 7.68 5.82
N ASN A 128 -2.02 7.03 6.22
CA ASN A 128 -1.84 6.67 7.63
C ASN A 128 -1.46 7.88 8.48
N ARG A 129 -0.49 8.67 8.01
CA ARG A 129 -0.12 9.92 8.66
C ARG A 129 0.40 10.85 7.57
N ALA A 130 -0.04 12.12 7.61
CA ALA A 130 0.42 13.15 6.69
C ALA A 130 1.00 14.32 7.47
N ARG A 131 2.24 14.70 7.15
CA ARG A 131 2.96 15.76 7.86
C ARG A 131 3.60 16.72 6.87
N TYR A 132 3.48 18.04 7.14
CA TYR A 132 4.18 19.02 6.33
C TYR A 132 5.63 19.18 6.80
N MET A 133 6.51 19.47 5.85
CA MET A 133 7.87 19.92 6.18
C MET A 133 7.81 21.38 6.63
N PRO A 134 8.41 21.75 7.77
CA PRO A 134 8.26 23.13 8.28
C PRO A 134 9.06 24.17 7.54
N GLN A 135 10.14 23.79 6.84
CA GLN A 135 10.94 24.73 6.10
C GLN A 135 10.35 25.04 4.72
N ASN A 136 9.45 24.20 4.23
CA ASN A 136 8.68 24.50 3.02
C ASN A 136 7.35 23.80 3.21
N PRO A 137 6.27 24.53 3.59
CA PRO A 137 5.01 23.88 3.94
C PRO A 137 4.15 23.43 2.77
N CYS A 138 4.59 23.63 1.53
CA CYS A 138 3.98 22.99 0.37
C CYS A 138 4.33 21.50 0.27
N ILE A 139 5.40 21.06 0.93
CA ILE A 139 5.86 19.67 0.86
C ILE A 139 5.21 18.87 1.98
N ILE A 140 4.43 17.86 1.61
CA ILE A 140 3.70 17.02 2.56
C ILE A 140 4.09 15.56 2.31
N ALA A 141 4.65 14.91 3.33
CA ALA A 141 4.98 13.49 3.25
C ALA A 141 3.85 12.64 3.81
N THR A 142 3.59 11.50 3.16
CA THR A 142 2.52 10.59 3.58
C THR A 142 3.04 9.17 3.81
N LYS A 143 2.24 8.40 4.55
CA LYS A 143 2.52 7.00 4.85
C LYS A 143 1.43 6.13 4.25
N THR A 144 1.83 5.07 3.56
CA THR A 144 0.99 4.22 2.74
C THR A 144 0.77 2.87 3.44
N PRO A 145 -0.21 2.06 3.01
CA PRO A 145 -0.23 0.64 3.44
C PRO A 145 0.88 -0.21 2.86
N SER A 146 1.51 0.19 1.75
CA SER A 146 2.71 -0.48 1.29
C SER A 146 3.93 0.09 2.02
N SER A 147 5.12 -0.34 1.61
CA SER A 147 6.34 0.10 2.28
C SER A 147 6.79 1.50 1.89
N ASP A 148 6.21 2.11 0.86
CA ASP A 148 6.68 3.39 0.36
C ASP A 148 6.18 4.57 1.20
N VAL A 149 7.07 5.52 1.46
CA VAL A 149 6.72 6.84 1.95
C VAL A 149 6.66 7.76 0.74
N LEU A 150 5.53 8.44 0.54
CA LEU A 150 5.34 9.30 -0.62
C LEU A 150 5.43 10.76 -0.22
N VAL A 151 6.08 11.56 -1.07
CA VAL A 151 6.28 12.98 -0.82
C VAL A 151 5.51 13.76 -1.88
N PHE A 152 4.60 14.63 -1.43
CA PHE A 152 3.73 15.38 -2.33
C PHE A 152 4.00 16.88 -2.24
N ASP A 153 3.89 17.55 -3.39
CA ASP A 153 3.86 19.00 -3.50
C ASP A 153 2.49 19.35 -4.10
N TYR A 154 1.63 20.01 -3.31
CA TYR A 154 0.27 20.24 -3.78
C TYR A 154 0.15 21.41 -4.74
N THR A 155 1.18 22.24 -4.89
CA THR A 155 1.14 23.27 -5.92
C THR A 155 1.45 22.72 -7.30
N LYS A 156 2.06 21.54 -7.39
CA LYS A 156 2.35 20.89 -8.66
C LYS A 156 1.26 19.90 -9.08
N HIS A 157 0.14 19.87 -8.36
CA HIS A 157 -1.02 19.02 -8.62
C HIS A 157 -2.26 19.88 -8.81
N PRO A 158 -3.24 19.44 -9.61
CA PRO A 158 -4.50 20.19 -9.71
C PRO A 158 -5.37 20.00 -8.47
N SER A 159 -6.33 20.92 -8.32
CA SER A 159 -7.21 20.91 -7.14
C SER A 159 -8.27 19.84 -7.25
N LYS A 160 -8.79 19.59 -8.45
CA LYS A 160 -9.63 18.41 -8.63
C LYS A 160 -8.78 17.24 -9.09
N PRO A 161 -8.93 16.05 -8.51
CA PRO A 161 -8.04 14.95 -8.84
C PRO A 161 -8.43 14.27 -10.15
N ASP A 162 -7.58 13.34 -10.57
CA ASP A 162 -7.84 12.58 -11.79
C ASP A 162 -8.90 11.52 -11.53
N PRO A 163 -9.77 11.23 -12.52
CA PRO A 163 -10.67 10.09 -12.38
C PRO A 163 -10.02 8.76 -12.73
N SER A 164 -8.82 8.78 -13.31
CA SER A 164 -8.06 7.58 -13.58
C SER A 164 -7.53 6.93 -12.30
N GLY A 165 -7.20 7.74 -11.29
CA GLY A 165 -6.77 7.22 -10.02
C GLY A 165 -5.29 6.94 -9.90
N GLU A 166 -4.48 7.39 -10.85
CA GLU A 166 -3.04 7.22 -10.78
C GLU A 166 -2.45 8.19 -9.77
N CYS A 167 -1.89 7.65 -8.69
CA CYS A 167 -1.19 8.47 -7.73
C CYS A 167 0.18 8.82 -8.29
N ASN A 168 0.47 10.13 -8.39
CA ASN A 168 1.74 10.63 -8.93
C ASN A 168 2.46 11.43 -7.84
N PRO A 169 3.26 10.79 -7.00
CA PRO A 169 4.01 11.53 -6.00
C PRO A 169 5.24 12.21 -6.60
N ASP A 170 5.68 13.27 -5.92
CA ASP A 170 6.86 13.98 -6.40
C ASP A 170 8.14 13.26 -6.03
N LEU A 171 8.11 12.46 -4.97
CA LEU A 171 9.19 11.56 -4.62
C LEU A 171 8.61 10.25 -4.10
N ARG A 172 9.38 9.18 -4.26
CA ARG A 172 9.00 7.87 -3.76
C ARG A 172 10.13 7.38 -2.86
N LEU A 173 9.90 7.34 -1.56
CA LEU A 173 10.95 7.05 -0.60
C LEU A 173 10.80 5.61 -0.10
N ARG A 174 11.80 4.79 -0.36
CA ARG A 174 11.77 3.38 -0.01
C ARG A 174 12.88 3.04 0.97
N GLY A 175 12.73 1.92 1.65
CA GLY A 175 13.64 1.50 2.70
C GLY A 175 12.99 0.56 3.68
N HIS A 176 11.69 0.74 3.89
CA HIS A 176 10.90 -0.15 4.74
C HIS A 176 10.49 -1.39 3.95
N GLN A 177 9.91 -2.35 4.69
CA GLN A 177 9.34 -3.55 4.12
C GLN A 177 7.86 -3.74 4.43
N LYS A 178 7.38 -3.16 5.52
CA LYS A 178 5.98 -3.18 5.91
C LYS A 178 5.49 -1.74 6.10
N GLU A 179 4.24 -1.60 6.54
CA GLU A 179 3.64 -0.28 6.71
C GLU A 179 4.04 0.31 8.06
N GLY A 180 3.60 1.54 8.31
CA GLY A 180 3.87 2.16 9.59
C GLY A 180 3.11 3.45 9.75
N TYR A 181 3.29 4.07 10.92
CA TYR A 181 2.58 5.29 11.26
C TYR A 181 3.46 6.46 11.67
N GLY A 182 4.69 6.24 12.12
CA GLY A 182 5.50 7.34 12.63
C GLY A 182 6.13 8.16 11.51
N LEU A 183 6.16 9.48 11.71
CA LEU A 183 6.65 10.40 10.69
C LEU A 183 7.11 11.69 11.36
N SER A 184 8.30 12.17 11.01
CA SER A 184 8.84 13.39 11.62
C SER A 184 9.83 14.10 10.70
N TRP A 185 9.58 15.37 10.46
CA TRP A 185 10.50 16.22 9.72
C TRP A 185 11.41 16.97 10.68
N ASN A 186 12.69 17.12 10.31
CA ASN A 186 13.65 17.87 11.12
C ASN A 186 13.41 19.37 10.94
N PRO A 187 13.17 20.14 12.01
CA PRO A 187 13.03 21.59 11.86
C PRO A 187 14.35 22.33 11.81
N ASN A 188 15.47 21.67 12.06
CA ASN A 188 16.79 22.29 11.99
C ASN A 188 17.62 21.79 10.81
N LEU A 189 17.12 20.83 10.03
CA LEU A 189 17.77 20.37 8.82
C LEU A 189 16.71 20.11 7.76
N SER A 190 16.86 20.73 6.59
CA SER A 190 15.85 20.62 5.54
C SER A 190 15.95 19.27 4.84
N GLY A 191 14.81 18.59 4.73
CA GLY A 191 14.75 17.35 4.00
C GLY A 191 15.17 16.13 4.77
N HIS A 192 15.42 16.24 6.07
CA HIS A 192 15.73 15.08 6.91
C HIS A 192 14.42 14.56 7.50
N LEU A 193 13.95 13.44 6.98
CA LEU A 193 12.67 12.85 7.32
C LEU A 193 12.88 11.50 7.97
N LEU A 194 12.23 11.27 9.10
CA LEU A 194 12.24 9.99 9.79
C LEU A 194 10.91 9.28 9.61
N SER A 195 10.96 7.95 9.67
CA SER A 195 9.75 7.17 9.56
C SER A 195 9.87 5.88 10.37
N ALA A 196 8.81 5.57 11.11
CA ALA A 196 8.71 4.34 11.88
C ALA A 196 7.82 3.34 11.14
N SER A 197 8.09 2.06 11.33
CA SER A 197 7.37 1.03 10.59
C SER A 197 7.25 -0.25 11.42
N ASP A 198 6.55 -1.23 10.85
CA ASP A 198 6.28 -2.52 11.49
C ASP A 198 7.37 -3.54 11.24
N ASP A 199 8.42 -3.19 10.51
CA ASP A 199 9.54 -4.09 10.23
C ASP A 199 10.70 -3.89 11.21
N HIS A 200 10.40 -3.37 12.41
CA HIS A 200 11.28 -3.08 13.55
C HIS A 200 12.38 -2.05 13.23
N THR A 201 12.20 -1.19 12.23
CA THR A 201 13.25 -0.29 11.76
C THR A 201 12.76 1.15 11.72
N ILE A 202 13.70 2.07 11.84
CA ILE A 202 13.49 3.49 11.60
C ILE A 202 14.33 3.88 10.39
N CYS A 203 13.69 4.44 9.37
CA CYS A 203 14.42 4.89 8.18
C CYS A 203 14.62 6.41 8.23
N LEU A 204 15.70 6.86 7.61
CA LEU A 204 16.03 8.27 7.50
C LEU A 204 16.41 8.59 6.07
N TRP A 205 15.73 9.57 5.48
CA TRP A 205 16.02 10.06 4.14
C TRP A 205 16.57 11.47 4.18
N ASP A 206 17.42 11.79 3.22
CA ASP A 206 17.90 13.15 2.98
C ASP A 206 17.52 13.50 1.53
N ILE A 207 16.48 14.32 1.38
CA ILE A 207 15.95 14.65 0.07
C ILE A 207 16.28 16.08 -0.35
N SER A 208 17.26 16.70 0.33
CA SER A 208 17.54 18.12 0.14
C SER A 208 18.30 18.44 -1.13
N ALA A 209 18.92 17.44 -1.78
CA ALA A 209 19.67 17.69 -3.00
C ALA A 209 19.08 17.03 -4.23
N VAL A 210 18.18 16.07 -4.07
CA VAL A 210 17.61 15.37 -5.22
C VAL A 210 16.45 16.20 -5.76
N PRO A 211 16.20 16.19 -7.08
CA PRO A 211 15.06 16.96 -7.60
C PRO A 211 13.75 16.25 -7.34
N LYS A 212 12.70 17.04 -7.18
CA LYS A 212 11.35 16.54 -6.88
C LYS A 212 10.58 16.23 -8.18
N GLU A 213 11.09 15.24 -8.91
CA GLU A 213 10.56 14.91 -10.24
C GLU A 213 10.22 13.43 -10.37
N GLY A 214 9.68 12.81 -9.31
CA GLY A 214 9.23 11.44 -9.39
C GLY A 214 10.28 10.35 -9.26
N LYS A 215 11.51 10.68 -8.86
CA LYS A 215 12.54 9.65 -8.77
C LYS A 215 12.41 8.89 -7.45
N VAL A 216 13.15 7.79 -7.35
CA VAL A 216 13.14 6.92 -6.18
C VAL A 216 14.39 7.21 -5.35
N VAL A 217 14.20 7.58 -4.08
CA VAL A 217 15.30 7.85 -3.16
C VAL A 217 15.32 6.74 -2.11
N ASP A 218 16.50 6.13 -1.93
CA ASP A 218 16.72 5.11 -0.94
C ASP A 218 17.09 5.76 0.41
N ALA A 219 17.07 4.94 1.47
CA ALA A 219 17.28 5.45 2.82
C ALA A 219 18.75 5.71 3.09
N LYS A 220 19.03 6.83 3.76
CA LYS A 220 20.40 7.19 4.13
C LYS A 220 20.91 6.34 5.29
N THR A 221 20.10 6.21 6.34
CA THR A 221 20.44 5.41 7.50
C THR A 221 19.20 4.64 7.93
N ILE A 222 19.38 3.37 8.25
CA ILE A 222 18.30 2.52 8.79
C ILE A 222 18.70 2.13 10.21
N PHE A 223 17.84 2.49 11.17
CA PHE A 223 18.13 2.33 12.60
C PHE A 223 17.38 1.11 13.12
N THR A 224 18.15 0.08 13.50
CA THR A 224 17.59 -1.24 13.80
C THR A 224 17.71 -1.63 15.28
N GLY A 225 17.35 -0.73 16.18
CA GLY A 225 17.55 -1.00 17.60
C GLY A 225 16.35 -1.60 18.30
N HIS A 226 15.16 -1.31 17.81
CA HIS A 226 13.96 -1.90 18.38
C HIS A 226 13.81 -3.35 17.94
N THR A 227 13.13 -4.14 18.77
CA THR A 227 12.88 -5.54 18.49
C THR A 227 11.44 -5.83 18.11
N ALA A 228 10.56 -4.85 18.21
CA ALA A 228 9.16 -5.01 17.87
C ALA A 228 8.71 -3.84 16.99
N VAL A 229 7.40 -3.65 16.83
CA VAL A 229 6.83 -2.75 15.84
C VAL A 229 7.01 -1.30 16.30
N VAL A 230 7.70 -0.51 15.49
CA VAL A 230 8.01 0.87 15.86
C VAL A 230 6.80 1.74 15.53
N GLU A 231 6.23 2.35 16.56
CA GLU A 231 4.97 3.08 16.44
C GLU A 231 5.17 4.53 16.03
N ASP A 232 6.09 5.24 16.69
CA ASP A 232 6.26 6.67 16.45
C ASP A 232 7.72 7.05 16.56
N VAL A 233 8.08 8.11 15.85
CA VAL A 233 9.43 8.65 15.88
C VAL A 233 9.30 10.17 15.84
N SER A 234 10.19 10.87 16.55
CA SER A 234 10.11 12.33 16.60
C SER A 234 11.50 12.91 16.77
N TRP A 235 11.82 13.91 15.94
CA TRP A 235 13.05 14.69 16.09
C TRP A 235 12.98 15.58 17.32
N HIS A 236 14.15 15.86 17.90
CA HIS A 236 14.25 16.94 18.87
C HIS A 236 14.17 18.28 18.14
N LEU A 237 13.58 19.26 18.81
CA LEU A 237 13.21 20.52 18.17
C LEU A 237 14.31 21.58 18.22
N LEU A 238 15.33 21.41 19.06
CA LEU A 238 16.50 22.29 19.11
C LEU A 238 17.76 21.63 18.57
N HIS A 239 18.14 20.47 19.09
CA HIS A 239 19.35 19.78 18.67
C HIS A 239 19.05 18.92 17.45
N GLU A 240 19.81 19.14 16.37
CA GLU A 240 19.52 18.55 15.06
C GLU A 240 19.97 17.10 14.94
N SER A 241 20.73 16.58 15.90
CA SER A 241 21.21 15.21 15.83
C SER A 241 20.39 14.23 16.65
N LEU A 242 19.64 14.71 17.65
CA LEU A 242 18.89 13.84 18.55
C LEU A 242 17.49 13.56 18.02
N PHE A 243 17.07 12.30 18.11
CA PHE A 243 15.66 11.97 17.93
C PHE A 243 15.27 10.85 18.88
N GLY A 244 13.95 10.75 19.09
CA GLY A 244 13.39 9.74 19.96
C GLY A 244 12.45 8.83 19.19
N SER A 245 12.33 7.59 19.67
CA SER A 245 11.46 6.62 19.03
C SER A 245 10.85 5.73 20.09
N VAL A 246 9.57 5.39 19.91
CA VAL A 246 8.86 4.49 20.81
C VAL A 246 8.31 3.32 19.98
N ALA A 247 8.09 2.20 20.66
CA ALA A 247 7.75 0.96 19.94
C ALA A 247 6.94 0.03 20.82
N ASP A 248 6.65 -1.14 20.26
CA ASP A 248 5.88 -2.21 20.90
C ASP A 248 6.72 -3.08 21.83
N ASP A 249 8.02 -2.83 21.95
CA ASP A 249 8.86 -3.53 22.93
C ASP A 249 8.99 -2.76 24.25
N GLN A 250 7.99 -1.90 24.56
CA GLN A 250 7.82 -1.06 25.75
C GLN A 250 8.96 -0.07 25.96
N LYS A 251 9.60 0.38 24.88
CA LYS A 251 10.88 1.07 25.00
C LYS A 251 10.86 2.44 24.33
N LEU A 252 11.35 3.44 25.07
CA LEU A 252 11.68 4.74 24.53
C LEU A 252 13.18 4.79 24.31
N MET A 253 13.60 5.06 23.08
CA MET A 253 15.01 5.08 22.71
C MET A 253 15.38 6.45 22.16
N ILE A 254 16.43 7.04 22.72
CA ILE A 254 16.95 8.33 22.28
C ILE A 254 18.19 8.06 21.43
N TRP A 255 18.18 8.55 20.19
CA TRP A 255 19.22 8.26 19.23
C TRP A 255 20.06 9.50 18.96
N ASP A 256 21.17 9.29 18.24
CA ASP A 256 22.00 10.37 17.78
C ASP A 256 22.55 10.00 16.41
N THR A 257 22.42 10.93 15.45
CA THR A 257 22.86 10.69 14.08
C THR A 257 24.37 10.78 13.91
N ARG A 258 25.09 11.36 14.88
CA ARG A 258 26.55 11.40 14.85
C ARG A 258 27.17 10.08 15.28
N SER A 259 26.40 9.20 15.91
CA SER A 259 26.88 7.88 16.28
C SER A 259 26.97 6.97 15.06
N ASN A 260 27.99 6.12 15.04
CA ASN A 260 28.15 5.14 13.98
C ASN A 260 27.38 3.85 14.24
N ASN A 261 27.01 3.58 15.48
CA ASN A 261 26.26 2.38 15.84
C ASN A 261 24.78 2.63 15.53
N THR A 262 24.30 2.05 14.43
CA THR A 262 22.92 2.19 14.01
C THR A 262 22.03 1.05 14.50
N SER A 263 22.54 0.19 15.37
CA SER A 263 21.74 -0.86 15.99
C SER A 263 21.61 -0.69 17.49
N LYS A 264 22.32 0.27 18.08
CA LYS A 264 22.26 0.56 19.50
C LYS A 264 22.03 2.06 19.66
N PRO A 265 21.01 2.48 20.40
CA PRO A 265 20.77 3.92 20.60
C PRO A 265 21.69 4.50 21.67
N SER A 266 21.57 5.82 21.87
CA SER A 266 22.35 6.49 22.90
C SER A 266 21.79 6.17 24.29
N HIS A 267 20.47 6.19 24.44
CA HIS A 267 19.83 5.83 25.70
C HIS A 267 18.61 4.98 25.38
N SER A 268 18.17 4.22 26.38
CA SER A 268 17.06 3.29 26.24
C SER A 268 16.39 3.17 27.60
N VAL A 269 15.09 3.42 27.64
CA VAL A 269 14.30 3.33 28.87
C VAL A 269 13.29 2.20 28.71
N ASP A 270 13.10 1.39 29.75
CA ASP A 270 11.87 0.61 29.86
C ASP A 270 10.76 1.58 30.23
N ALA A 271 10.00 2.03 29.22
CA ALA A 271 9.17 3.22 29.37
C ALA A 271 7.82 2.93 30.02
N HIS A 272 7.16 1.85 29.62
CA HIS A 272 5.81 1.54 30.09
C HIS A 272 5.65 0.06 30.33
N THR A 273 4.44 -0.32 30.76
CA THR A 273 4.09 -1.72 30.96
C THR A 273 3.26 -2.30 29.82
N ALA A 274 3.10 -1.55 28.73
CA ALA A 274 2.49 -2.04 27.50
C ALA A 274 3.13 -1.29 26.33
N GLU A 275 2.48 -1.38 25.16
CA GLU A 275 3.04 -0.83 23.92
C GLU A 275 2.98 0.69 23.89
N VAL A 276 4.12 1.33 23.60
CA VAL A 276 4.22 2.78 23.61
C VAL A 276 3.96 3.30 22.20
N ASN A 277 2.96 4.16 22.05
CA ASN A 277 2.40 4.46 20.74
C ASN A 277 2.76 5.82 20.17
N CYS A 278 3.17 6.77 21.02
CA CYS A 278 3.36 8.14 20.55
C CYS A 278 4.38 8.82 21.44
N LEU A 279 5.07 9.80 20.87
CA LEU A 279 5.95 10.65 21.65
C LEU A 279 5.93 12.06 21.09
N SER A 280 6.30 13.01 21.95
CA SER A 280 6.34 14.42 21.60
C SER A 280 7.37 15.15 22.46
N PHE A 281 8.27 15.87 21.82
CA PHE A 281 9.20 16.73 22.57
C PHE A 281 8.55 18.06 22.85
N ASN A 282 8.88 18.63 24.02
CA ASN A 282 8.38 19.95 24.41
C ASN A 282 9.07 21.01 23.54
N PRO A 283 8.32 21.94 22.93
CA PRO A 283 8.97 22.97 22.09
C PRO A 283 9.62 24.07 22.89
N TYR A 284 9.28 24.21 24.17
CA TYR A 284 9.86 25.23 25.03
C TYR A 284 10.80 24.67 26.08
N SER A 285 10.78 23.37 26.34
CA SER A 285 11.64 22.75 27.33
C SER A 285 12.51 21.72 26.63
N GLU A 286 13.81 21.97 26.59
CA GLU A 286 14.71 21.18 25.76
C GLU A 286 15.09 19.83 26.35
N PHE A 287 14.77 19.58 27.62
CA PHE A 287 15.05 18.31 28.25
C PHE A 287 13.82 17.43 28.48
N ILE A 288 12.62 17.94 28.17
CA ILE A 288 11.36 17.32 28.56
C ILE A 288 10.66 16.73 27.35
N LEU A 289 10.28 15.46 27.44
CA LEU A 289 9.41 14.84 26.44
C LEU A 289 8.33 14.04 27.14
N ALA A 290 7.30 13.68 26.38
CA ALA A 290 6.18 12.91 26.90
C ALA A 290 5.91 11.71 26.00
N THR A 291 5.65 10.55 26.61
CA THR A 291 5.28 9.33 25.87
C THR A 291 3.94 8.81 26.35
N GLY A 292 3.10 8.37 25.40
CA GLY A 292 1.81 7.80 25.72
C GLY A 292 1.68 6.38 25.22
N SER A 293 0.84 5.59 25.88
CA SER A 293 0.94 4.15 25.68
C SER A 293 -0.39 3.43 25.95
N ALA A 294 -0.34 2.11 25.77
CA ALA A 294 -1.47 1.21 25.90
C ALA A 294 -1.76 0.79 27.34
N ASP A 295 -0.98 1.28 28.33
CA ASP A 295 -1.28 1.03 29.73
C ASP A 295 -2.06 2.18 30.37
N LYS A 296 -2.78 2.95 29.54
CA LYS A 296 -3.69 4.07 29.86
C LYS A 296 -3.00 5.26 30.56
N THR A 297 -1.68 5.40 30.39
CA THR A 297 -0.91 6.44 31.06
C THR A 297 -0.12 7.25 30.04
N VAL A 298 0.19 8.48 30.45
CA VAL A 298 1.17 9.33 29.78
C VAL A 298 2.36 9.49 30.72
N ALA A 299 3.56 9.20 30.25
CA ALA A 299 4.77 9.28 31.06
C ALA A 299 5.56 10.55 30.72
N LEU A 300 6.03 11.25 31.75
CA LEU A 300 6.83 12.45 31.57
C LEU A 300 8.30 12.12 31.78
N TRP A 301 9.16 12.58 30.88
CA TRP A 301 10.56 12.21 30.89
C TRP A 301 11.47 13.44 30.98
N ASP A 302 12.64 13.23 31.59
CA ASP A 302 13.74 14.19 31.58
C ASP A 302 14.93 13.53 30.90
N LEU A 303 15.52 14.23 29.92
CA LEU A 303 16.64 13.69 29.14
C LEU A 303 17.95 13.63 29.91
N ARG A 304 18.10 14.39 31.00
CA ARG A 304 19.34 14.36 31.76
C ARG A 304 19.44 13.14 32.66
N ASN A 305 18.30 12.59 33.09
CA ASN A 305 18.26 11.33 33.87
C ASN A 305 17.02 10.58 33.39
N LEU A 306 17.18 9.77 32.35
CA LEU A 306 16.06 9.07 31.75
C LEU A 306 15.62 7.84 32.53
N LYS A 307 16.42 7.35 33.47
CA LYS A 307 16.09 6.14 34.22
C LYS A 307 15.01 6.37 35.27
N LEU A 308 14.74 7.61 35.66
CA LEU A 308 13.67 7.96 36.58
C LEU A 308 12.55 8.65 35.82
N LYS A 309 11.37 8.05 35.83
CA LYS A 309 10.18 8.69 35.27
C LYS A 309 9.74 9.83 36.18
N LEU A 310 9.44 10.98 35.57
CA LEU A 310 9.07 12.16 36.33
C LEU A 310 7.64 12.06 36.85
N HIS A 311 6.70 11.73 35.97
CA HIS A 311 5.30 11.73 36.33
C HIS A 311 4.54 10.75 35.44
N SER A 312 3.48 10.18 35.99
CA SER A 312 2.55 9.35 35.24
C SER A 312 1.19 10.02 35.25
N PHE A 313 0.69 10.40 34.07
CA PHE A 313 -0.61 11.06 33.94
C PHE A 313 -1.68 9.99 33.76
N GLU A 314 -2.55 9.83 34.75
CA GLU A 314 -3.52 8.73 34.81
C GLU A 314 -4.94 9.28 34.87
N SER A 315 -5.65 9.31 33.74
CA SER A 315 -7.11 9.47 33.72
C SER A 315 -7.76 8.73 32.56
N HIS A 316 -6.95 8.23 31.62
CA HIS A 316 -7.50 7.56 30.43
C HIS A 316 -8.02 6.16 30.76
N LYS A 317 -8.93 5.68 29.92
CA LYS A 317 -9.60 4.41 30.15
C LYS A 317 -9.23 3.34 29.14
N ASP A 318 -8.51 3.68 28.07
CA ASP A 318 -8.10 2.73 27.06
C ASP A 318 -6.76 3.19 26.49
N GLU A 319 -6.43 2.70 25.31
CA GLU A 319 -5.10 2.84 24.71
C GLU A 319 -4.90 4.24 24.12
N ILE A 320 -3.79 4.88 24.49
CA ILE A 320 -3.47 6.25 24.07
C ILE A 320 -2.62 6.19 22.80
N PHE A 321 -3.06 6.89 21.74
CA PHE A 321 -2.39 6.81 20.46
C PHE A 321 -1.69 8.09 19.99
N GLN A 322 -2.03 9.25 20.53
CA GLN A 322 -1.38 10.49 20.12
C GLN A 322 -1.14 11.35 21.35
N VAL A 323 0.05 11.92 21.45
CA VAL A 323 0.35 12.91 22.48
C VAL A 323 0.98 14.13 21.80
N GLN A 324 0.57 15.33 22.25
CA GLN A 324 1.04 16.58 21.66
C GLN A 324 1.19 17.65 22.75
N TRP A 325 2.32 18.34 22.74
CA TRP A 325 2.49 19.50 23.58
C TRP A 325 1.82 20.71 22.94
N SER A 326 1.38 21.64 23.80
CA SER A 326 0.84 22.90 23.31
C SER A 326 1.97 23.79 22.82
N PRO A 327 1.80 24.46 21.67
CA PRO A 327 2.87 25.33 21.15
C PRO A 327 2.79 26.77 21.62
N HIS A 328 1.98 27.08 22.65
CA HIS A 328 1.88 28.40 23.25
C HIS A 328 2.17 28.41 24.73
N ASN A 329 1.93 27.31 25.44
CA ASN A 329 2.20 27.22 26.87
C ASN A 329 3.02 25.97 27.15
N GLU A 330 4.09 26.11 27.93
CA GLU A 330 5.06 25.04 28.12
C GLU A 330 4.58 23.95 29.08
N THR A 331 3.57 24.22 29.90
CA THR A 331 3.10 23.27 30.88
C THR A 331 1.85 22.54 30.44
N ILE A 332 1.45 22.68 29.18
CA ILE A 332 0.15 22.19 28.73
C ILE A 332 0.37 21.04 27.75
N LEU A 333 -0.15 19.88 28.12
CA LEU A 333 0.01 18.64 27.37
C LEU A 333 -1.36 18.10 27.02
N ALA A 334 -1.50 17.52 25.83
CA ALA A 334 -2.76 16.88 25.47
C ALA A 334 -2.55 15.50 24.89
N SER A 335 -3.54 14.63 25.11
CA SER A 335 -3.45 13.23 24.70
C SER A 335 -4.85 12.69 24.41
N SER A 336 -4.92 11.74 23.47
CA SER A 336 -6.19 11.16 23.05
C SER A 336 -6.00 9.67 22.74
N GLY A 337 -7.11 8.98 22.52
CA GLY A 337 -7.02 7.58 22.15
C GLY A 337 -8.30 6.81 21.94
N THR A 338 -8.29 5.52 22.31
CA THR A 338 -9.38 4.58 22.06
C THR A 338 -10.55 4.75 23.03
N ASP A 339 -10.38 5.51 24.11
CA ASP A 339 -11.44 5.72 25.09
C ASP A 339 -12.37 6.89 24.77
N ARG A 340 -12.29 7.42 23.53
CA ARG A 340 -13.09 8.52 22.95
C ARG A 340 -13.00 9.82 23.74
N ARG A 341 -11.83 10.09 24.31
CA ARG A 341 -11.61 11.24 25.16
C ARG A 341 -10.30 11.90 24.75
N LEU A 342 -10.29 13.23 24.72
CA LEU A 342 -9.06 14.01 24.59
C LEU A 342 -8.87 14.73 25.92
N ASN A 343 -7.88 14.30 26.69
CA ASN A 343 -7.57 14.91 27.96
C ASN A 343 -6.51 15.99 27.77
N VAL A 344 -6.70 17.13 28.43
CA VAL A 344 -5.73 18.22 28.43
C VAL A 344 -5.11 18.28 29.81
N TRP A 345 -3.79 18.22 29.87
CA TRP A 345 -3.06 18.17 31.13
C TRP A 345 -2.36 19.50 31.40
N ASP A 346 -2.19 19.82 32.68
CA ASP A 346 -1.47 21.02 33.13
C ASP A 346 -0.47 20.56 34.20
N LEU A 347 0.82 20.53 33.86
CA LEU A 347 1.82 19.96 34.77
C LEU A 347 2.25 20.91 35.90
N SER A 348 1.80 22.17 35.88
CA SER A 348 2.03 23.08 36.99
C SER A 348 1.12 22.81 38.18
N LYS A 349 0.04 22.04 38.00
CA LYS A 349 -0.86 21.66 39.08
C LYS A 349 -0.54 20.27 39.64
N ILE A 350 0.67 19.76 39.40
CA ILE A 350 1.10 18.48 39.95
C ILE A 350 1.43 18.66 41.43
N GLY A 351 0.74 17.91 42.29
CA GLY A 351 0.98 17.98 43.71
C GLY A 351 0.08 18.92 44.46
N GLU A 352 -0.94 19.48 43.80
CA GLU A 352 -1.87 20.36 44.46
C GLU A 352 -2.86 19.59 45.32
N GLU A 353 -3.14 20.12 46.50
CA GLU A 353 -4.08 19.51 47.43
C GLU A 353 -5.51 19.73 46.96
N GLN A 354 -6.31 18.67 46.96
CA GLN A 354 -7.67 18.74 46.49
C GLN A 354 -8.65 18.48 47.63
N SER A 355 -9.92 18.70 47.33
CA SER A 355 -11.01 18.16 48.12
C SER A 355 -11.20 16.69 47.74
N PRO A 356 -11.87 15.89 48.58
CA PRO A 356 -12.27 14.54 48.14
C PRO A 356 -13.37 14.50 47.07
N GLU A 357 -14.13 15.58 46.88
CA GLU A 357 -14.99 15.70 45.71
C GLU A 357 -14.18 15.81 44.42
N ASP A 358 -13.13 16.65 44.43
CA ASP A 358 -12.30 16.84 43.25
C ASP A 358 -11.32 15.70 43.00
N ALA A 359 -11.05 14.89 44.02
CA ALA A 359 -10.16 13.74 43.85
C ALA A 359 -10.86 12.60 43.12
N GLU A 360 -12.19 12.53 43.21
CA GLU A 360 -12.97 11.52 42.49
C GLU A 360 -13.02 11.80 40.99
N ASP A 361 -12.94 13.07 40.60
CA ASP A 361 -12.96 13.43 39.19
C ASP A 361 -11.63 13.13 38.50
N GLY A 362 -10.53 13.13 39.25
CA GLY A 362 -9.25 12.75 38.71
C GLY A 362 -8.07 13.41 39.43
N PRO A 363 -6.89 13.37 38.82
CA PRO A 363 -5.71 14.03 39.42
C PRO A 363 -5.78 15.53 39.22
N PRO A 364 -5.06 16.36 40.02
CA PRO A 364 -5.18 17.82 39.86
C PRO A 364 -4.50 18.39 38.62
N GLU A 365 -3.61 17.63 37.98
CA GLU A 365 -3.02 18.04 36.71
C GLU A 365 -3.96 17.85 35.53
N LEU A 366 -5.04 17.08 35.68
CA LEU A 366 -6.04 16.94 34.62
C LEU A 366 -6.89 18.20 34.56
N LEU A 367 -6.81 18.92 33.45
CA LEU A 367 -7.47 20.23 33.30
C LEU A 367 -8.80 20.15 32.60
N PHE A 368 -8.93 19.33 31.56
CA PHE A 368 -10.10 19.35 30.70
C PHE A 368 -10.22 17.99 30.03
N ILE A 369 -11.46 17.49 29.92
CA ILE A 369 -11.76 16.27 29.18
C ILE A 369 -12.67 16.64 28.04
N HIS A 370 -12.17 16.47 26.81
CA HIS A 370 -13.02 16.66 25.63
C HIS A 370 -13.79 15.37 25.39
N GLY A 371 -15.12 15.46 25.50
CA GLY A 371 -15.95 14.28 25.35
C GLY A 371 -16.88 14.36 24.15
N GLY A 372 -16.35 14.83 23.03
CA GLY A 372 -17.17 15.12 21.89
C GLY A 372 -17.22 14.07 20.80
N HIS A 373 -16.19 13.25 20.74
CA HIS A 373 -16.13 12.20 19.74
C HIS A 373 -16.87 10.97 20.23
N THR A 374 -17.58 10.34 19.30
CA THR A 374 -18.34 9.12 19.57
C THR A 374 -17.63 7.87 19.11
N ALA A 375 -16.41 8.01 18.59
CA ALA A 375 -15.58 6.89 18.18
C ALA A 375 -14.15 7.20 18.60
N LYS A 376 -13.23 6.31 18.19
CA LYS A 376 -11.82 6.39 18.59
C LYS A 376 -11.13 7.54 17.84
N ILE A 377 -10.51 8.44 18.60
CA ILE A 377 -9.76 9.56 18.05
C ILE A 377 -8.46 9.03 17.47
N SER A 378 -8.27 9.24 16.16
CA SER A 378 -7.04 8.77 15.52
C SER A 378 -5.90 9.77 15.71
N ASP A 379 -6.17 11.05 15.46
CA ASP A 379 -5.12 12.06 15.47
C ASP A 379 -5.72 13.39 15.88
N PHE A 380 -4.88 14.26 16.43
CA PHE A 380 -5.30 15.62 16.71
C PHE A 380 -4.14 16.58 16.46
N SER A 381 -4.45 17.87 16.52
CA SER A 381 -3.48 18.91 16.20
C SER A 381 -3.87 20.21 16.88
N TRP A 382 -2.91 20.82 17.56
CA TRP A 382 -3.07 22.15 18.11
C TRP A 382 -2.90 23.20 17.01
N ASN A 383 -3.71 24.26 17.06
CA ASN A 383 -3.54 25.37 16.12
C ASN A 383 -2.33 26.21 16.54
N PRO A 384 -1.34 26.40 15.66
CA PRO A 384 -0.14 27.14 16.06
C PRO A 384 -0.31 28.65 16.09
N ASN A 385 -1.37 29.18 15.50
CA ASN A 385 -1.59 30.62 15.44
C ASN A 385 -2.75 31.11 16.31
N GLU A 386 -3.78 30.29 16.51
CA GLU A 386 -4.81 30.61 17.49
C GLU A 386 -4.59 29.75 18.72
N PRO A 387 -4.40 30.33 19.91
CA PRO A 387 -4.16 29.51 21.11
C PRO A 387 -5.41 28.82 21.61
N TRP A 388 -5.18 27.62 22.18
CA TRP A 388 -6.15 26.66 22.75
C TRP A 388 -7.14 26.09 21.72
N VAL A 389 -6.87 26.18 20.42
CA VAL A 389 -7.75 25.67 19.39
C VAL A 389 -7.18 24.34 18.92
N ILE A 390 -7.99 23.28 19.00
CA ILE A 390 -7.58 21.93 18.64
C ILE A 390 -8.54 21.42 17.57
N CYS A 391 -7.98 20.96 16.45
CA CYS A 391 -8.71 20.06 15.56
C CYS A 391 -8.47 18.62 15.99
N SER A 392 -9.50 17.80 15.94
CA SER A 392 -9.36 16.39 16.28
C SER A 392 -10.31 15.58 15.40
N VAL A 393 -9.83 14.43 14.91
CA VAL A 393 -10.60 13.59 14.00
C VAL A 393 -10.79 12.22 14.60
N SER A 394 -11.85 11.54 14.17
CA SER A 394 -12.18 10.23 14.72
C SER A 394 -12.64 9.32 13.59
N GLU A 395 -12.98 8.08 13.96
CA GLU A 395 -13.26 7.03 12.99
C GLU A 395 -14.70 7.05 12.47
N ASP A 396 -15.58 7.88 13.02
CA ASP A 396 -16.98 7.95 12.61
C ASP A 396 -17.24 9.14 11.68
N ASN A 397 -16.25 9.47 10.83
CA ASN A 397 -16.20 10.62 9.89
C ASN A 397 -16.35 11.99 10.58
N ILE A 398 -15.96 12.13 11.84
CA ILE A 398 -16.24 13.33 12.62
C ILE A 398 -14.94 14.08 12.84
N MET A 399 -14.90 15.31 12.36
CA MET A 399 -13.83 16.26 12.66
C MET A 399 -14.41 17.37 13.52
N GLN A 400 -13.77 17.63 14.65
CA GLN A 400 -14.22 18.67 15.58
C GLN A 400 -13.11 19.71 15.76
N VAL A 401 -13.39 20.93 15.33
CA VAL A 401 -12.55 22.07 15.64
C VAL A 401 -13.13 22.73 16.89
N TRP A 402 -12.37 22.74 17.98
CA TRP A 402 -12.91 23.17 19.25
C TRP A 402 -11.86 23.93 20.06
N GLN A 403 -12.36 24.76 20.97
CA GLN A 403 -11.56 25.55 21.89
C GLN A 403 -12.29 25.57 23.22
N MET A 404 -11.57 25.26 24.30
CA MET A 404 -12.19 25.25 25.62
C MET A 404 -12.41 26.68 26.15
N ALA A 405 -13.21 26.76 27.21
CA ALA A 405 -13.58 28.04 27.81
C ALA A 405 -12.41 28.66 28.57
N GLU A 406 -12.39 29.99 28.61
CA GLU A 406 -11.22 30.76 29.01
C GLU A 406 -10.97 30.73 30.52
N ASN A 407 -12.03 30.61 31.32
CA ASN A 407 -11.86 30.59 32.77
C ASN A 407 -11.47 29.22 33.34
N ILE A 408 -11.35 28.19 32.50
CA ILE A 408 -10.77 26.92 32.95
C ILE A 408 -9.27 27.07 33.13
N TYR A 409 -8.58 27.63 32.13
CA TYR A 409 -7.13 27.75 32.21
C TYR A 409 -6.63 29.06 32.81
N ASN A 410 -7.32 30.17 32.54
CA ASN A 410 -6.87 31.48 33.00
C ASN A 410 -7.49 31.77 34.37
N ASP A 411 -6.66 31.83 35.40
CA ASP A 411 -7.15 32.12 36.74
C ASP A 411 -6.15 32.99 37.50
N MET B 1 1.65 -54.90 -25.31
CA MET B 1 2.07 -54.30 -26.58
C MET B 1 1.81 -52.79 -26.57
N ALA B 2 0.55 -52.41 -26.31
CA ALA B 2 0.22 -50.99 -26.20
C ALA B 2 0.72 -50.41 -24.88
N ASP B 3 0.67 -51.19 -23.81
CA ASP B 3 1.23 -50.75 -22.54
C ASP B 3 2.73 -51.01 -22.44
N LYS B 4 3.26 -51.87 -23.32
CA LYS B 4 4.71 -52.13 -23.37
C LYS B 4 5.46 -50.97 -24.02
N GLU B 5 4.95 -50.48 -25.15
CA GLU B 5 5.58 -49.35 -25.84
C GLU B 5 5.29 -48.01 -25.18
N ALA B 6 4.26 -47.93 -24.32
CA ALA B 6 4.01 -46.70 -23.59
C ALA B 6 5.00 -46.49 -22.44
N ALA B 7 5.38 -47.58 -21.77
CA ALA B 7 6.39 -47.48 -20.73
C ALA B 7 7.81 -47.36 -21.29
N PHE B 8 8.03 -47.81 -22.52
CA PHE B 8 9.31 -47.59 -23.20
C PHE B 8 9.48 -46.12 -23.59
N ASP B 9 8.40 -45.48 -24.02
CA ASP B 9 8.45 -44.08 -24.43
C ASP B 9 8.54 -43.14 -23.24
N ASP B 10 7.96 -43.53 -22.09
CA ASP B 10 8.09 -42.72 -20.87
C ASP B 10 9.48 -42.85 -20.25
N ALA B 11 10.16 -43.96 -20.51
CA ALA B 11 11.51 -44.14 -19.98
C ALA B 11 12.56 -43.45 -20.84
N VAL B 12 12.28 -43.28 -22.13
CA VAL B 12 13.14 -42.49 -23.01
C VAL B 12 13.01 -41.01 -22.67
N GLU B 13 11.78 -40.55 -22.41
CA GLU B 13 11.48 -39.14 -22.17
C GLU B 13 11.97 -38.65 -20.81
N GLU B 14 12.07 -39.53 -19.83
CA GLU B 14 12.68 -39.16 -18.56
C GLU B 14 14.20 -39.06 -18.68
N ARG B 15 14.79 -39.82 -19.61
CA ARG B 15 16.20 -39.70 -19.91
C ARG B 15 16.53 -38.51 -20.81
N VAL B 16 15.57 -38.07 -21.64
CA VAL B 16 15.78 -36.90 -22.49
C VAL B 16 15.75 -35.61 -21.67
N ILE B 17 14.84 -35.55 -20.67
CA ILE B 17 14.66 -34.38 -19.80
C ILE B 17 15.85 -34.23 -18.85
N ASN B 18 16.35 -35.34 -18.30
CA ASN B 18 17.49 -35.31 -17.39
C ASN B 18 18.82 -35.08 -18.11
N GLU B 19 18.93 -35.49 -19.37
CA GLU B 19 20.13 -35.13 -20.13
C GLU B 19 20.08 -33.71 -20.65
N GLU B 20 18.88 -33.14 -20.81
CA GLU B 20 18.76 -31.74 -21.19
C GLU B 20 19.09 -30.82 -20.02
N TYR B 21 18.87 -31.29 -18.78
CA TYR B 21 19.19 -30.49 -17.61
C TYR B 21 20.68 -30.50 -17.31
N LYS B 22 21.36 -31.64 -17.55
CA LYS B 22 22.79 -31.76 -17.25
C LYS B 22 23.67 -31.02 -18.25
N ILE B 23 23.25 -30.90 -19.49
CA ILE B 23 24.00 -30.12 -20.46
C ILE B 23 23.76 -28.63 -20.24
N TRP B 24 22.54 -28.25 -19.81
CA TRP B 24 22.22 -26.86 -19.46
C TRP B 24 22.96 -26.40 -18.20
N LYS B 25 23.15 -27.30 -17.23
CA LYS B 25 23.90 -26.98 -16.01
C LYS B 25 25.39 -26.84 -16.29
N LYS B 26 25.90 -27.54 -17.30
CA LYS B 26 27.26 -27.30 -17.78
C LYS B 26 27.36 -26.01 -18.58
N ASN B 27 26.27 -25.58 -19.22
CA ASN B 27 26.31 -24.40 -20.08
C ASN B 27 25.96 -23.12 -19.33
N THR B 28 25.56 -23.22 -18.06
CA THR B 28 25.24 -22.05 -17.24
C THR B 28 26.31 -20.97 -16.95
N PRO B 29 27.65 -21.21 -16.87
CA PRO B 29 28.55 -20.05 -16.67
C PRO B 29 28.74 -19.13 -17.88
N PHE B 30 28.58 -19.59 -19.12
CA PHE B 30 28.74 -18.69 -20.24
C PHE B 30 27.42 -18.21 -20.86
N LEU B 31 26.28 -18.66 -20.33
CA LEU B 31 25.00 -18.24 -20.89
C LEU B 31 24.24 -17.23 -20.04
N TYR B 32 24.60 -17.08 -18.77
CA TYR B 32 23.81 -16.26 -17.85
C TYR B 32 24.71 -15.31 -17.07
N ASP B 33 24.12 -14.18 -16.65
CA ASP B 33 24.73 -13.32 -15.65
C ASP B 33 24.16 -13.55 -14.26
N LEU B 34 23.08 -14.34 -14.16
CA LEU B 34 22.44 -14.70 -12.90
C LEU B 34 21.64 -15.97 -13.13
N VAL B 35 21.82 -16.97 -12.26
CA VAL B 35 20.94 -18.14 -12.13
C VAL B 35 20.69 -18.34 -10.64
N MET B 36 19.43 -18.25 -10.23
CA MET B 36 19.04 -18.54 -8.85
C MET B 36 17.90 -19.56 -8.90
N THR B 37 18.22 -20.83 -8.68
CA THR B 37 17.22 -21.89 -8.65
C THR B 37 16.74 -22.09 -7.22
N HIS B 38 15.45 -21.95 -7.00
CA HIS B 38 14.85 -22.14 -5.69
C HIS B 38 13.78 -23.22 -5.77
N ALA B 39 13.89 -24.21 -4.90
CA ALA B 39 12.84 -25.20 -4.75
C ALA B 39 11.80 -24.62 -3.80
N LEU B 40 10.59 -24.37 -4.32
CA LEU B 40 9.51 -23.84 -3.49
C LEU B 40 8.88 -24.98 -2.68
N GLU B 41 8.01 -24.60 -1.74
CA GLU B 41 7.32 -25.58 -0.92
C GLU B 41 6.23 -26.30 -1.70
N TRP B 42 5.48 -25.56 -2.49
CA TRP B 42 4.42 -26.06 -3.35
C TRP B 42 4.58 -25.40 -4.72
N PRO B 43 4.11 -26.02 -5.82
CA PRO B 43 4.23 -25.37 -7.13
C PRO B 43 3.33 -24.15 -7.28
N SER B 44 3.82 -23.19 -8.05
CA SER B 44 3.14 -21.94 -8.28
C SER B 44 2.60 -21.93 -9.70
N LEU B 45 1.30 -21.66 -9.81
CA LEU B 45 0.71 -21.47 -11.14
C LEU B 45 0.88 -20.04 -11.63
N THR B 46 1.20 -19.10 -10.75
CA THR B 46 1.32 -17.69 -11.10
C THR B 46 2.64 -17.13 -10.58
N ALA B 47 3.11 -16.08 -11.26
CA ALA B 47 4.28 -15.33 -10.87
C ALA B 47 4.16 -13.93 -11.43
N GLN B 48 4.30 -12.92 -10.56
CA GLN B 48 4.37 -11.53 -10.99
C GLN B 48 5.20 -10.74 -10.00
N TRP B 49 6.10 -9.91 -10.52
CA TRP B 49 6.91 -9.04 -9.67
C TRP B 49 6.09 -7.86 -9.16
N LEU B 50 6.19 -7.61 -7.86
CA LEU B 50 5.77 -6.32 -7.31
C LEU B 50 6.77 -5.25 -7.76
N PRO B 51 6.30 -4.03 -8.07
CA PRO B 51 7.19 -3.04 -8.71
C PRO B 51 8.18 -2.33 -7.79
N ASP B 52 8.11 -2.50 -6.48
CA ASP B 52 8.99 -1.79 -5.56
C ASP B 52 10.36 -2.45 -5.45
N VAL B 53 11.40 -1.62 -5.35
CA VAL B 53 12.76 -2.09 -5.10
C VAL B 53 13.40 -1.19 -4.04
N THR B 54 13.86 -1.78 -2.94
CA THR B 54 14.63 -1.03 -1.95
C THR B 54 16.09 -1.42 -2.09
N ARG B 55 16.95 -0.44 -2.32
CA ARG B 55 18.38 -0.68 -2.45
C ARG B 55 19.05 -0.13 -1.19
N PRO B 56 19.51 -0.96 -0.26
CA PRO B 56 20.16 -0.43 0.94
C PRO B 56 21.58 0.04 0.68
N GLU B 57 21.94 1.14 1.31
CA GLU B 57 23.23 1.79 1.09
C GLU B 57 24.33 1.02 1.81
N GLY B 58 25.45 0.80 1.10
CA GLY B 58 26.56 0.05 1.63
C GLY B 58 26.50 -1.44 1.35
N LYS B 59 25.36 -1.95 0.91
CA LYS B 59 25.17 -3.36 0.63
C LYS B 59 25.14 -3.58 -0.88
N ASP B 60 25.59 -4.76 -1.30
CA ASP B 60 25.72 -5.09 -2.71
C ASP B 60 24.47 -5.72 -3.32
N PHE B 61 23.36 -5.77 -2.59
CA PHE B 61 22.13 -6.36 -3.09
C PHE B 61 20.98 -5.35 -3.07
N SER B 62 19.85 -5.77 -3.61
CA SER B 62 18.61 -5.00 -3.56
C SER B 62 17.45 -5.97 -3.31
N ILE B 63 16.36 -5.43 -2.78
CA ILE B 63 15.22 -6.23 -2.35
C ILE B 63 14.11 -6.09 -3.38
N HIS B 64 13.78 -7.19 -4.05
CA HIS B 64 12.69 -7.24 -5.00
C HIS B 64 11.64 -8.22 -4.51
N ARG B 65 10.37 -8.00 -4.89
CA ARG B 65 9.27 -8.80 -4.36
C ARG B 65 8.44 -9.44 -5.47
N LEU B 66 7.78 -10.55 -5.14
CA LEU B 66 7.02 -11.37 -6.08
C LEU B 66 5.66 -11.74 -5.51
N VAL B 67 4.67 -11.85 -6.41
CA VAL B 67 3.35 -12.38 -6.07
C VAL B 67 3.29 -13.81 -6.55
N LEU B 68 3.16 -14.74 -5.61
CA LEU B 68 3.15 -16.17 -5.92
C LEU B 68 1.87 -16.80 -5.37
N GLY B 69 1.55 -17.98 -5.92
CA GLY B 69 0.47 -18.80 -5.41
C GLY B 69 0.97 -20.20 -5.11
N THR B 70 0.07 -21.02 -4.59
CA THR B 70 0.38 -22.42 -4.36
C THR B 70 -0.64 -23.29 -5.10
N HIS B 71 -0.19 -24.46 -5.52
CA HIS B 71 -1.02 -25.48 -6.17
C HIS B 71 -0.78 -26.77 -5.39
N THR B 72 -1.38 -26.87 -4.20
CA THR B 72 -1.26 -28.07 -3.40
C THR B 72 -2.61 -28.69 -3.10
N SER B 73 -2.65 -30.02 -3.09
CA SER B 73 -3.77 -30.79 -2.58
C SER B 73 -3.55 -31.26 -1.15
N ASP B 74 -2.37 -30.99 -0.56
CA ASP B 74 -2.08 -31.37 0.83
C ASP B 74 -2.50 -30.30 1.84
N GLU B 75 -1.86 -29.15 1.78
CA GLU B 75 -2.09 -28.14 2.79
C GLU B 75 -3.22 -27.23 2.33
N GLN B 76 -3.57 -26.27 3.18
CA GLN B 76 -4.39 -25.15 2.74
C GLN B 76 -3.56 -24.30 1.80
N ASN B 77 -4.15 -23.92 0.68
CA ASN B 77 -3.44 -23.20 -0.36
C ASN B 77 -3.21 -21.75 0.06
N HIS B 78 -2.13 -21.17 -0.45
CA HIS B 78 -1.70 -19.86 0.02
C HIS B 78 -1.43 -18.91 -1.12
N LEU B 79 -1.87 -17.66 -0.92
CA LEU B 79 -1.38 -16.52 -1.69
C LEU B 79 -0.12 -16.02 -0.99
N VAL B 80 0.99 -16.02 -1.72
CA VAL B 80 2.33 -15.86 -1.14
C VAL B 80 2.96 -14.60 -1.70
N ILE B 81 3.37 -13.69 -0.82
CA ILE B 81 4.27 -12.60 -1.18
C ILE B 81 5.67 -12.99 -0.72
N ALA B 82 6.59 -13.11 -1.67
CA ALA B 82 7.97 -13.44 -1.37
C ALA B 82 8.86 -12.22 -1.56
N SER B 83 10.11 -12.35 -1.12
CA SER B 83 11.09 -11.28 -1.27
C SER B 83 12.40 -11.88 -1.76
N VAL B 84 12.93 -11.33 -2.86
CA VAL B 84 14.11 -11.86 -3.53
C VAL B 84 15.22 -10.84 -3.39
N GLN B 85 16.40 -11.29 -2.94
CA GLN B 85 17.62 -10.49 -2.94
C GLN B 85 18.38 -10.72 -4.23
N LEU B 86 18.51 -9.68 -5.06
CA LEU B 86 19.35 -9.79 -6.24
C LEU B 86 20.63 -9.03 -6.00
N PRO B 87 21.81 -9.66 -6.08
CA PRO B 87 23.05 -8.93 -5.86
C PRO B 87 23.63 -8.26 -7.10
N ASN B 88 24.29 -7.13 -6.85
CA ASN B 88 25.13 -6.49 -7.84
C ASN B 88 26.52 -7.14 -7.82
N ASP B 89 27.33 -6.83 -8.82
CA ASP B 89 28.66 -7.42 -8.88
C ASP B 89 29.68 -6.70 -7.99
N ASP B 90 29.34 -5.53 -7.45
CA ASP B 90 30.18 -4.87 -6.46
C ASP B 90 29.78 -5.28 -5.05
N GLY B 113 22.35 -13.84 -2.27
CA GLY B 113 21.07 -13.81 -2.95
C GLY B 113 20.08 -14.82 -2.38
N LYS B 114 19.26 -14.36 -1.45
CA LYS B 114 18.35 -15.22 -0.70
C LYS B 114 16.90 -14.92 -1.05
N ILE B 115 16.06 -15.95 -0.95
CA ILE B 115 14.62 -15.85 -1.22
C ILE B 115 13.88 -16.27 0.04
N GLU B 116 13.10 -15.35 0.61
CA GLU B 116 12.31 -15.61 1.80
C GLU B 116 10.85 -15.30 1.53
N ILE B 117 9.99 -15.71 2.47
CA ILE B 117 8.55 -15.58 2.35
C ILE B 117 8.08 -14.54 3.37
N GLU B 118 7.33 -13.54 2.90
CA GLU B 118 6.84 -12.49 3.79
C GLU B 118 5.44 -12.79 4.32
N ILE B 119 4.45 -12.91 3.44
CA ILE B 119 3.03 -13.01 3.80
C ILE B 119 2.47 -14.31 3.25
N LYS B 120 1.75 -15.07 4.09
CA LYS B 120 0.90 -16.16 3.64
C LYS B 120 -0.55 -15.90 4.08
N ILE B 121 -1.47 -15.95 3.10
CA ILE B 121 -2.90 -15.71 3.30
C ILE B 121 -3.63 -16.97 2.83
N ASN B 122 -4.57 -17.47 3.65
CA ASN B 122 -5.41 -18.62 3.30
C ASN B 122 -6.31 -18.33 2.09
N HIS B 123 -6.48 -19.34 1.24
CA HIS B 123 -7.11 -19.18 -0.06
C HIS B 123 -8.02 -20.38 -0.35
N GLU B 124 -9.20 -20.10 -0.91
CA GLU B 124 -10.18 -21.13 -1.27
C GLU B 124 -9.75 -21.84 -2.54
N GLY B 125 -9.01 -22.94 -2.39
CA GLY B 125 -8.46 -23.64 -3.54
C GLY B 125 -7.19 -22.99 -4.03
N GLU B 126 -6.63 -23.56 -5.11
CA GLU B 126 -5.32 -23.12 -5.59
C GLU B 126 -5.41 -21.81 -6.36
N VAL B 127 -4.31 -21.05 -6.32
CA VAL B 127 -4.28 -19.75 -6.98
C VAL B 127 -3.90 -19.98 -8.45
N ASN B 128 -4.88 -19.81 -9.34
CA ASN B 128 -4.65 -20.02 -10.77
C ASN B 128 -3.88 -18.85 -11.37
N ARG B 129 -4.26 -17.63 -11.05
CA ARG B 129 -3.52 -16.44 -11.46
C ARG B 129 -3.71 -15.37 -10.39
N ALA B 130 -2.63 -14.72 -9.99
CA ALA B 130 -2.66 -13.64 -9.02
C ALA B 130 -2.03 -12.39 -9.62
N ARG B 131 -2.75 -11.27 -9.59
CA ARG B 131 -2.30 -10.02 -10.19
C ARG B 131 -2.53 -8.83 -9.24
N TYR B 132 -1.52 -7.96 -9.11
CA TYR B 132 -1.70 -6.75 -8.33
C TYR B 132 -2.35 -5.66 -9.20
N MET B 133 -3.16 -4.82 -8.56
CA MET B 133 -3.67 -3.61 -9.19
C MET B 133 -2.57 -2.55 -9.23
N PRO B 134 -2.32 -1.89 -10.39
CA PRO B 134 -1.19 -0.94 -10.46
C PRO B 134 -1.44 0.40 -9.77
N GLN B 135 -2.68 0.81 -9.56
CA GLN B 135 -2.94 2.07 -8.86
C GLN B 135 -2.87 1.92 -7.34
N ASN B 136 -2.96 0.70 -6.83
CA ASN B 136 -2.73 0.43 -5.40
C ASN B 136 -2.17 -0.99 -5.35
N PRO B 137 -0.86 -1.15 -5.15
CA PRO B 137 -0.26 -2.49 -5.27
C PRO B 137 -0.45 -3.41 -4.06
N CYS B 138 -1.11 -2.95 -3.01
CA CYS B 138 -1.57 -3.80 -1.92
C CYS B 138 -2.78 -4.65 -2.31
N ILE B 139 -3.50 -4.26 -3.35
CA ILE B 139 -4.73 -4.95 -3.77
C ILE B 139 -4.36 -6.01 -4.80
N ILE B 140 -4.63 -7.28 -4.46
CA ILE B 140 -4.27 -8.42 -5.31
C ILE B 140 -5.54 -9.22 -5.60
N ALA B 141 -5.86 -9.40 -6.88
CA ALA B 141 -6.97 -10.25 -7.29
C ALA B 141 -6.46 -11.64 -7.59
N THR B 142 -7.24 -12.66 -7.20
CA THR B 142 -6.86 -14.06 -7.43
C THR B 142 -7.97 -14.80 -8.17
N LYS B 143 -7.59 -15.92 -8.78
CA LYS B 143 -8.51 -16.81 -9.48
C LYS B 143 -8.53 -18.16 -8.78
N THR B 144 -9.72 -18.69 -8.56
CA THR B 144 -10.01 -19.85 -7.75
C THR B 144 -10.43 -21.05 -8.62
N PRO B 145 -10.45 -22.27 -8.07
CA PRO B 145 -11.15 -23.36 -8.79
C PRO B 145 -12.67 -23.24 -8.81
N SER B 146 -13.26 -22.45 -7.92
CA SER B 146 -14.69 -22.15 -7.99
C SER B 146 -14.92 -20.97 -8.93
N SER B 147 -16.16 -20.49 -8.98
CA SER B 147 -16.52 -19.41 -9.88
C SER B 147 -16.11 -18.04 -9.37
N ASP B 148 -15.76 -17.91 -8.10
CA ASP B 148 -15.50 -16.60 -7.51
C ASP B 148 -14.10 -16.11 -7.84
N VAL B 149 -14.01 -14.83 -8.18
CA VAL B 149 -12.75 -14.11 -8.23
C VAL B 149 -12.61 -13.40 -6.88
N LEU B 150 -11.51 -13.64 -6.19
CA LEU B 150 -11.32 -13.08 -4.86
C LEU B 150 -10.33 -11.93 -4.92
N VAL B 151 -10.62 -10.88 -4.16
CA VAL B 151 -9.79 -9.68 -4.09
C VAL B 151 -9.23 -9.58 -2.68
N PHE B 152 -7.90 -9.55 -2.58
CA PHE B 152 -7.20 -9.53 -1.30
C PHE B 152 -6.45 -8.22 -1.11
N ASP B 153 -6.44 -7.74 0.14
CA ASP B 153 -5.57 -6.67 0.60
C ASP B 153 -4.67 -7.30 1.65
N TYR B 154 -3.37 -7.41 1.35
CA TYR B 154 -2.48 -8.16 2.24
C TYR B 154 -2.05 -7.38 3.49
N THR B 155 -2.34 -6.08 3.57
CA THR B 155 -2.10 -5.33 4.78
C THR B 155 -3.17 -5.57 5.84
N LYS B 156 -4.34 -6.07 5.43
CA LYS B 156 -5.44 -6.36 6.33
C LYS B 156 -5.44 -7.81 6.82
N HIS B 157 -4.38 -8.56 6.54
CA HIS B 157 -4.21 -9.93 6.95
C HIS B 157 -2.93 -10.07 7.78
N PRO B 158 -2.86 -11.03 8.72
CA PRO B 158 -1.61 -11.25 9.44
C PRO B 158 -0.56 -11.94 8.56
N SER B 159 0.69 -11.84 9.01
CA SER B 159 1.82 -12.35 8.24
C SER B 159 1.91 -13.87 8.31
N LYS B 160 1.62 -14.45 9.46
CA LYS B 160 1.45 -15.89 9.54
C LYS B 160 -0.04 -16.23 9.44
N PRO B 161 -0.44 -17.21 8.63
CA PRO B 161 -1.87 -17.45 8.42
C PRO B 161 -2.50 -18.25 9.56
N ASP B 162 -3.82 -18.39 9.47
CA ASP B 162 -4.54 -19.17 10.46
C ASP B 162 -4.36 -20.67 10.18
N PRO B 163 -4.27 -21.50 11.22
CA PRO B 163 -4.26 -22.96 10.99
C PRO B 163 -5.64 -23.55 10.77
N SER B 164 -6.71 -22.79 11.04
CA SER B 164 -8.07 -23.22 10.73
C SER B 164 -8.32 -23.25 9.22
N GLY B 165 -7.69 -22.35 8.48
CA GLY B 165 -7.77 -22.37 7.04
C GLY B 165 -8.93 -21.65 6.42
N GLU B 166 -9.68 -20.87 7.19
CA GLU B 166 -10.81 -20.10 6.66
C GLU B 166 -10.28 -18.91 5.88
N CYS B 167 -10.49 -18.93 4.57
CA CYS B 167 -10.13 -17.83 3.70
C CYS B 167 -11.15 -16.72 3.85
N ASN B 168 -10.68 -15.52 4.23
CA ASN B 168 -11.51 -14.34 4.41
C ASN B 168 -11.06 -13.29 3.42
N PRO B 169 -11.58 -13.28 2.19
CA PRO B 169 -11.18 -12.26 1.22
C PRO B 169 -11.89 -10.94 1.51
N ASP B 170 -11.26 -9.86 1.03
CA ASP B 170 -11.83 -8.54 1.23
C ASP B 170 -12.99 -8.27 0.28
N LEU B 171 -13.01 -8.95 -0.86
CA LEU B 171 -14.16 -8.94 -1.75
C LEU B 171 -14.36 -10.33 -2.34
N ARG B 172 -15.60 -10.61 -2.69
CA ARG B 172 -15.97 -11.85 -3.36
C ARG B 172 -16.71 -11.43 -4.63
N LEU B 173 -16.06 -11.62 -5.78
CA LEU B 173 -16.60 -11.11 -7.03
C LEU B 173 -17.20 -12.26 -7.83
N ARG B 174 -18.50 -12.16 -8.10
CA ARG B 174 -19.22 -13.22 -8.78
C ARG B 174 -19.78 -12.73 -10.11
N GLY B 175 -20.10 -13.69 -10.97
CA GLY B 175 -20.54 -13.42 -12.32
C GLY B 175 -20.26 -14.60 -13.21
N HIS B 176 -19.17 -15.30 -12.92
CA HIS B 176 -18.86 -16.53 -13.61
C HIS B 176 -19.63 -17.70 -13.01
N GLN B 177 -19.57 -18.84 -13.70
CA GLN B 177 -20.14 -20.09 -13.22
C GLN B 177 -19.13 -21.22 -13.11
N LYS B 178 -18.03 -21.16 -13.85
CA LYS B 178 -16.92 -22.09 -13.75
C LYS B 178 -15.63 -21.33 -13.46
N GLU B 179 -14.52 -22.05 -13.41
CA GLU B 179 -13.22 -21.46 -13.10
C GLU B 179 -12.59 -20.85 -14.35
N GLY B 180 -11.41 -20.26 -14.18
CA GLY B 180 -10.71 -19.69 -15.32
C GLY B 180 -9.31 -19.28 -14.93
N TYR B 181 -8.59 -18.75 -15.92
CA TYR B 181 -7.21 -18.35 -15.72
C TYR B 181 -6.92 -16.90 -16.08
N GLY B 182 -7.73 -16.26 -16.92
CA GLY B 182 -7.43 -14.90 -17.37
C GLY B 182 -7.80 -13.85 -16.33
N LEU B 183 -6.94 -12.85 -16.19
CA LEU B 183 -7.09 -11.82 -15.17
C LEU B 183 -6.35 -10.58 -15.60
N SER B 184 -6.99 -9.41 -15.52
CA SER B 184 -6.35 -8.18 -15.96
C SER B 184 -6.93 -6.97 -15.23
N TRP B 185 -6.03 -6.17 -14.65
CA TRP B 185 -6.39 -4.89 -14.07
C TRP B 185 -6.17 -3.77 -15.08
N ASN B 186 -7.07 -2.78 -15.07
CA ASN B 186 -6.94 -1.61 -15.93
C ASN B 186 -5.89 -0.67 -15.37
N PRO B 187 -4.83 -0.34 -16.13
CA PRO B 187 -3.86 0.63 -15.62
C PRO B 187 -4.27 2.09 -15.81
N ASN B 188 -5.35 2.34 -16.55
CA ASN B 188 -5.86 3.69 -16.76
C ASN B 188 -7.18 3.95 -16.07
N LEU B 189 -7.77 2.96 -15.39
CA LEU B 189 -8.98 3.15 -14.60
C LEU B 189 -8.83 2.34 -13.33
N SER B 190 -9.01 3.00 -12.18
CA SER B 190 -8.79 2.35 -10.90
C SER B 190 -9.96 1.43 -10.54
N GLY B 191 -9.66 0.17 -10.24
CA GLY B 191 -10.65 -0.80 -9.82
C GLY B 191 -11.42 -1.50 -10.91
N HIS B 192 -11.04 -1.33 -12.18
CA HIS B 192 -11.70 -2.03 -13.29
C HIS B 192 -10.99 -3.35 -13.54
N LEU B 193 -11.63 -4.46 -13.18
CA LEU B 193 -11.02 -5.78 -13.23
C LEU B 193 -11.76 -6.65 -14.23
N LEU B 194 -10.99 -7.28 -15.13
CA LEU B 194 -11.52 -8.25 -16.07
C LEU B 194 -11.13 -9.67 -15.67
N SER B 195 -11.96 -10.63 -16.06
CA SER B 195 -11.67 -12.03 -15.80
C SER B 195 -12.26 -12.90 -16.88
N ALA B 196 -11.45 -13.84 -17.36
CA ALA B 196 -11.87 -14.85 -18.32
C ALA B 196 -12.14 -16.17 -17.61
N SER B 197 -13.03 -16.98 -18.17
CA SER B 197 -13.40 -18.22 -17.52
C SER B 197 -13.76 -19.29 -18.54
N ASP B 198 -14.08 -20.48 -18.02
CA ASP B 198 -14.43 -21.65 -18.80
C ASP B 198 -15.91 -21.73 -19.15
N ASP B 199 -16.72 -20.75 -18.74
CA ASP B 199 -18.14 -20.70 -19.07
C ASP B 199 -18.43 -19.85 -20.30
N HIS B 200 -17.44 -19.70 -21.19
CA HIS B 200 -17.40 -18.94 -22.45
C HIS B 200 -17.65 -17.43 -22.25
N THR B 201 -17.36 -16.87 -21.06
CA THR B 201 -17.71 -15.48 -20.77
C THR B 201 -16.50 -14.72 -20.25
N ILE B 202 -16.52 -13.41 -20.47
CA ILE B 202 -15.60 -12.45 -19.85
C ILE B 202 -16.42 -11.55 -18.95
N CYS B 203 -16.06 -11.49 -17.68
CA CYS B 203 -16.73 -10.60 -16.74
C CYS B 203 -15.92 -9.35 -16.49
N LEU B 204 -16.61 -8.27 -16.15
CA LEU B 204 -15.99 -6.99 -15.83
C LEU B 204 -16.59 -6.45 -14.54
N TRP B 205 -15.73 -6.18 -13.56
CA TRP B 205 -16.15 -5.55 -12.32
C TRP B 205 -15.57 -4.15 -12.21
N ASP B 206 -16.31 -3.27 -11.54
CA ASP B 206 -15.84 -1.95 -11.12
C ASP B 206 -16.00 -1.93 -9.61
N ILE B 207 -14.88 -2.09 -8.90
CA ILE B 207 -14.90 -2.24 -7.46
C ILE B 207 -14.38 -0.98 -6.76
N SER B 208 -14.37 0.15 -7.46
CA SER B 208 -13.79 1.38 -6.95
C SER B 208 -14.69 2.09 -5.94
N ALA B 209 -15.97 1.71 -5.85
CA ALA B 209 -16.91 2.34 -4.94
C ALA B 209 -17.44 1.43 -3.85
N VAL B 210 -17.20 0.11 -3.91
CA VAL B 210 -17.75 -0.84 -2.95
C VAL B 210 -16.89 -0.77 -1.68
N PRO B 211 -17.44 -0.96 -0.47
CA PRO B 211 -16.67 -0.68 0.75
C PRO B 211 -15.60 -1.68 1.16
N LYS B 212 -15.43 -2.80 0.43
CA LYS B 212 -14.42 -3.86 0.60
C LYS B 212 -14.47 -4.52 1.99
N GLU B 213 -15.61 -5.10 2.32
CA GLU B 213 -15.80 -5.64 3.67
C GLU B 213 -16.27 -7.08 3.59
N GLY B 214 -15.75 -7.83 2.61
CA GLY B 214 -16.14 -9.21 2.43
C GLY B 214 -17.46 -9.43 1.75
N LYS B 215 -18.06 -8.37 1.19
CA LYS B 215 -19.36 -8.45 0.56
C LYS B 215 -19.24 -9.00 -0.85
N VAL B 216 -20.39 -9.27 -1.45
CA VAL B 216 -20.47 -9.84 -2.78
C VAL B 216 -20.80 -8.72 -3.76
N VAL B 217 -19.94 -8.55 -4.78
CA VAL B 217 -20.16 -7.60 -5.85
C VAL B 217 -20.42 -8.40 -7.13
N ASP B 218 -21.54 -8.12 -7.79
CA ASP B 218 -21.84 -8.76 -9.06
C ASP B 218 -21.21 -7.98 -10.21
N ALA B 219 -21.21 -8.59 -11.38
CA ALA B 219 -20.50 -8.06 -12.54
C ALA B 219 -21.28 -6.92 -13.18
N LYS B 220 -20.52 -5.91 -13.61
CA LYS B 220 -21.12 -4.76 -14.29
C LYS B 220 -21.49 -5.13 -15.72
N THR B 221 -20.58 -5.80 -16.43
CA THR B 221 -20.82 -6.25 -17.80
C THR B 221 -20.27 -7.67 -17.95
N ILE B 222 -21.04 -8.54 -18.60
CA ILE B 222 -20.61 -9.89 -18.93
C ILE B 222 -20.58 -10.02 -20.45
N PHE B 223 -19.41 -10.36 -20.99
CA PHE B 223 -19.16 -10.36 -22.43
C PHE B 223 -19.25 -11.81 -22.92
N THR B 224 -20.27 -12.11 -23.74
CA THR B 224 -20.56 -13.48 -24.11
C THR B 224 -20.31 -13.73 -25.59
N GLY B 225 -19.16 -13.30 -26.10
CA GLY B 225 -18.90 -13.39 -27.52
C GLY B 225 -18.17 -14.64 -27.97
N HIS B 226 -17.38 -15.22 -27.10
CA HIS B 226 -16.70 -16.46 -27.41
C HIS B 226 -17.66 -17.63 -27.31
N THR B 227 -17.36 -18.68 -28.07
CA THR B 227 -18.15 -19.91 -28.08
C THR B 227 -17.45 -21.07 -27.39
N ALA B 228 -16.21 -20.87 -26.96
CA ALA B 228 -15.47 -21.90 -26.23
C ALA B 228 -14.78 -21.26 -25.02
N VAL B 229 -13.84 -21.98 -24.41
CA VAL B 229 -13.29 -21.65 -23.10
C VAL B 229 -12.33 -20.46 -23.24
N VAL B 230 -12.62 -19.37 -22.51
CA VAL B 230 -11.84 -18.15 -22.62
C VAL B 230 -10.63 -18.26 -21.69
N GLU B 231 -9.45 -18.24 -22.29
CA GLU B 231 -8.20 -18.53 -21.58
C GLU B 231 -7.61 -17.30 -20.92
N ASP B 232 -7.50 -16.19 -21.65
CA ASP B 232 -6.84 -15.01 -21.13
C ASP B 232 -7.54 -13.77 -21.63
N VAL B 233 -7.42 -12.70 -20.85
CA VAL B 233 -7.97 -11.41 -21.19
C VAL B 233 -6.97 -10.36 -20.74
N SER B 234 -6.82 -9.28 -21.51
CA SER B 234 -5.86 -8.24 -21.19
C SER B 234 -6.39 -6.90 -21.67
N TRP B 235 -6.32 -5.91 -20.79
CA TRP B 235 -6.61 -4.53 -21.15
C TRP B 235 -5.53 -3.98 -22.08
N HIS B 236 -5.94 -3.01 -22.90
CA HIS B 236 -4.96 -2.21 -23.61
C HIS B 236 -4.27 -1.27 -22.63
N LEU B 237 -3.01 -0.98 -22.89
CA LEU B 237 -2.20 -0.28 -21.90
C LEU B 237 -2.29 1.24 -22.01
N LEU B 238 -2.81 1.77 -23.12
CA LEU B 238 -3.03 3.21 -23.26
C LEU B 238 -4.51 3.55 -23.23
N HIS B 239 -5.31 2.96 -24.10
CA HIS B 239 -6.71 3.30 -24.21
C HIS B 239 -7.53 2.51 -23.20
N GLU B 240 -8.30 3.22 -22.38
CA GLU B 240 -8.97 2.64 -21.23
C GLU B 240 -10.24 1.88 -21.58
N SER B 241 -10.72 1.94 -22.82
CA SER B 241 -11.93 1.23 -23.22
C SER B 241 -11.67 -0.07 -23.95
N LEU B 242 -10.49 -0.23 -24.54
CA LEU B 242 -10.18 -1.40 -25.37
C LEU B 242 -9.59 -2.51 -24.53
N PHE B 243 -10.03 -3.75 -24.79
CA PHE B 243 -9.34 -4.92 -24.27
C PHE B 243 -9.37 -6.04 -25.31
N GLY B 244 -8.46 -6.99 -25.12
CA GLY B 244 -8.36 -8.13 -26.00
C GLY B 244 -8.56 -9.42 -25.22
N SER B 245 -9.03 -10.45 -25.92
CA SER B 245 -9.27 -11.74 -25.28
C SER B 245 -9.00 -12.85 -26.28
N VAL B 246 -8.42 -13.94 -25.80
CA VAL B 246 -8.15 -15.12 -26.62
C VAL B 246 -8.83 -16.31 -25.97
N ALA B 247 -9.16 -17.32 -26.78
CA ALA B 247 -9.99 -18.41 -26.28
C ALA B 247 -9.71 -19.70 -27.05
N ASP B 248 -10.43 -20.75 -26.65
CA ASP B 248 -10.33 -22.09 -27.23
C ASP B 248 -11.11 -22.26 -28.52
N ASP B 249 -11.81 -21.23 -29.02
CA ASP B 249 -12.42 -21.27 -30.34
C ASP B 249 -11.53 -20.67 -31.43
N GLN B 250 -10.19 -20.68 -31.18
CA GLN B 250 -9.09 -20.23 -32.06
C GLN B 250 -9.19 -18.75 -32.41
N LYS B 251 -9.75 -17.95 -31.51
CA LYS B 251 -10.15 -16.60 -31.85
C LYS B 251 -9.56 -15.57 -30.90
N LEU B 252 -9.00 -14.51 -31.48
CA LEU B 252 -8.66 -13.28 -30.78
C LEU B 252 -9.74 -12.26 -31.03
N MET B 253 -10.32 -11.72 -29.96
CA MET B 253 -11.39 -10.73 -30.06
C MET B 253 -10.96 -9.45 -29.35
N ILE B 254 -11.06 -8.33 -30.06
CA ILE B 254 -10.74 -7.01 -29.55
C ILE B 254 -12.06 -6.31 -29.23
N TRP B 255 -12.22 -5.89 -27.98
CA TRP B 255 -13.50 -5.39 -27.48
C TRP B 255 -13.41 -3.90 -27.18
N ASP B 256 -14.59 -3.34 -26.86
CA ASP B 256 -14.70 -1.97 -26.39
C ASP B 256 -15.80 -1.91 -25.34
N THR B 257 -15.51 -1.28 -24.20
CA THR B 257 -16.45 -1.21 -23.08
C THR B 257 -17.56 -0.20 -23.30
N ARG B 258 -17.42 0.74 -24.23
CA ARG B 258 -18.46 1.70 -24.54
C ARG B 258 -19.56 1.11 -25.44
N SER B 259 -19.33 -0.04 -26.05
CA SER B 259 -20.34 -0.69 -26.87
C SER B 259 -21.42 -1.33 -26.01
N ASN B 260 -22.66 -1.27 -26.48
CA ASN B 260 -23.77 -1.94 -25.82
C ASN B 260 -23.94 -3.39 -26.25
N ASN B 261 -23.36 -3.79 -27.39
CA ASN B 261 -23.43 -5.17 -27.84
C ASN B 261 -22.38 -5.95 -27.07
N THR B 262 -22.82 -6.69 -26.05
CA THR B 262 -21.94 -7.51 -25.23
C THR B 262 -21.85 -8.94 -25.72
N SER B 263 -22.39 -9.24 -26.90
CA SER B 263 -22.25 -10.55 -27.51
C SER B 263 -21.44 -10.53 -28.79
N LYS B 264 -21.09 -9.35 -29.31
CA LYS B 264 -20.28 -9.23 -30.50
C LYS B 264 -19.16 -8.24 -30.24
N PRO B 265 -17.90 -8.61 -30.49
CA PRO B 265 -16.79 -7.68 -30.27
C PRO B 265 -16.65 -6.70 -31.43
N SER B 266 -15.67 -5.80 -31.30
CA SER B 266 -15.37 -4.86 -32.36
C SER B 266 -14.63 -5.55 -33.51
N HIS B 267 -13.69 -6.43 -33.19
CA HIS B 267 -12.96 -7.18 -34.20
C HIS B 267 -12.84 -8.64 -33.76
N SER B 268 -12.62 -9.50 -34.74
CA SER B 268 -12.54 -10.95 -34.52
C SER B 268 -11.65 -11.55 -35.59
N VAL B 269 -10.59 -12.24 -35.16
CA VAL B 269 -9.63 -12.89 -36.05
C VAL B 269 -9.70 -14.39 -35.83
N ASP B 270 -9.65 -15.17 -36.91
CA ASP B 270 -9.23 -16.57 -36.79
C ASP B 270 -7.72 -16.56 -36.52
N ALA B 271 -7.34 -16.66 -35.25
CA ALA B 271 -5.99 -16.31 -34.84
C ALA B 271 -4.99 -17.45 -35.07
N HIS B 272 -5.38 -18.67 -34.75
CA HIS B 272 -4.47 -19.80 -34.85
C HIS B 272 -5.23 -21.01 -35.36
N THR B 273 -4.52 -22.12 -35.51
CA THR B 273 -5.10 -23.38 -35.91
C THR B 273 -5.28 -24.33 -34.73
N ALA B 274 -5.10 -23.82 -33.51
CA ALA B 274 -5.43 -24.53 -32.29
C ALA B 274 -5.83 -23.50 -31.24
N GLU B 275 -5.91 -23.94 -29.98
CA GLU B 275 -6.43 -23.11 -28.89
C GLU B 275 -5.44 -22.01 -28.48
N VAL B 276 -5.92 -20.78 -28.42
CA VAL B 276 -5.09 -19.62 -28.12
C VAL B 276 -5.18 -19.34 -26.62
N ASN B 277 -4.03 -19.33 -25.95
CA ASN B 277 -3.99 -19.40 -24.50
C ASN B 277 -3.63 -18.10 -23.80
N CYS B 278 -2.99 -17.17 -24.48
CA CYS B 278 -2.46 -15.99 -23.82
C CYS B 278 -2.36 -14.86 -24.83
N LEU B 279 -2.41 -13.64 -24.32
CA LEU B 279 -2.15 -12.47 -25.13
C LEU B 279 -1.41 -11.43 -24.30
N SER B 280 -0.72 -10.53 -25.00
CA SER B 280 0.06 -9.49 -24.36
C SER B 280 0.14 -8.30 -25.31
N PHE B 281 -0.23 -7.12 -24.83
CA PHE B 281 -0.06 -5.89 -25.60
C PHE B 281 1.35 -5.33 -25.39
N ASN B 282 1.90 -4.73 -26.46
CA ASN B 282 3.21 -4.09 -26.40
C ASN B 282 3.11 -2.80 -25.57
N PRO B 283 4.03 -2.57 -24.61
CA PRO B 283 3.94 -1.35 -23.81
C PRO B 283 4.43 -0.09 -24.51
N TYR B 284 5.16 -0.22 -25.62
CA TYR B 284 5.62 0.95 -26.37
C TYR B 284 4.92 1.15 -27.70
N SER B 285 4.27 0.13 -28.24
CA SER B 285 3.58 0.21 -29.52
C SER B 285 2.11 -0.12 -29.31
N GLU B 286 1.23 0.88 -29.55
CA GLU B 286 -0.16 0.75 -29.14
C GLU B 286 -1.01 -0.08 -30.10
N PHE B 287 -0.50 -0.44 -31.27
CA PHE B 287 -1.24 -1.25 -32.23
C PHE B 287 -0.75 -2.69 -32.29
N ILE B 288 0.30 -3.04 -31.55
CA ILE B 288 0.99 -4.31 -31.71
C ILE B 288 0.69 -5.18 -30.50
N LEU B 289 0.20 -6.40 -30.73
CA LEU B 289 0.06 -7.39 -29.68
C LEU B 289 0.60 -8.73 -30.16
N ALA B 290 0.80 -9.63 -29.21
CA ALA B 290 1.29 -10.97 -29.48
C ALA B 290 0.35 -11.97 -28.82
N THR B 291 0.03 -13.05 -29.52
CA THR B 291 -0.80 -14.14 -29.00
C THR B 291 -0.05 -15.45 -29.11
N GLY B 292 -0.13 -16.28 -28.07
CA GLY B 292 0.52 -17.59 -28.08
C GLY B 292 -0.49 -18.70 -27.90
N SER B 293 -0.17 -19.88 -28.44
CA SER B 293 -1.22 -20.87 -28.63
C SER B 293 -0.69 -22.29 -28.62
N ALA B 294 -1.63 -23.23 -28.80
CA ALA B 294 -1.37 -24.66 -28.78
C ALA B 294 -0.89 -25.20 -30.11
N ASP B 295 -0.76 -24.38 -31.15
CA ASP B 295 -0.20 -24.82 -32.42
C ASP B 295 1.29 -24.51 -32.54
N LYS B 296 1.98 -24.37 -31.39
CA LYS B 296 3.42 -24.16 -31.18
C LYS B 296 3.94 -22.84 -31.77
N THR B 297 3.08 -21.84 -31.98
CA THR B 297 3.48 -20.59 -32.59
C THR B 297 3.09 -19.42 -31.69
N VAL B 298 3.83 -18.33 -31.85
CA VAL B 298 3.44 -17.02 -31.34
C VAL B 298 3.13 -16.15 -32.55
N ALA B 299 1.94 -15.55 -32.58
CA ALA B 299 1.51 -14.74 -33.71
C ALA B 299 1.60 -13.26 -33.38
N LEU B 300 2.12 -12.48 -34.33
CA LEU B 300 2.24 -11.03 -34.18
C LEU B 300 1.11 -10.33 -34.94
N TRP B 301 0.45 -9.39 -34.28
CA TRP B 301 -0.74 -8.75 -34.81
C TRP B 301 -0.59 -7.23 -34.88
N ASP B 302 -1.29 -6.64 -35.84
CA ASP B 302 -1.49 -5.21 -35.93
C ASP B 302 -2.98 -4.94 -35.82
N LEU B 303 -3.36 -4.01 -34.93
CA LEU B 303 -4.76 -3.70 -34.66
C LEU B 303 -5.44 -2.93 -35.79
N ARG B 304 -4.66 -2.26 -36.65
CA ARG B 304 -5.24 -1.49 -37.74
C ARG B 304 -5.67 -2.38 -38.90
N ASN B 305 -5.03 -3.54 -39.08
CA ASN B 305 -5.44 -4.53 -40.08
C ASN B 305 -5.21 -5.91 -39.46
N LEU B 306 -6.22 -6.39 -38.73
CA LEU B 306 -6.10 -7.64 -38.00
C LEU B 306 -6.25 -8.87 -38.88
N LYS B 307 -6.76 -8.73 -40.11
CA LYS B 307 -6.95 -9.87 -41.00
C LYS B 307 -5.65 -10.39 -41.61
N LEU B 308 -4.57 -9.60 -41.57
CA LEU B 308 -3.26 -10.04 -42.01
C LEU B 308 -2.37 -10.21 -40.78
N LYS B 309 -1.93 -11.44 -40.55
CA LYS B 309 -0.96 -11.73 -39.49
C LYS B 309 0.41 -11.18 -39.90
N LEU B 310 1.08 -10.51 -38.96
CA LEU B 310 2.38 -9.92 -39.28
C LEU B 310 3.48 -10.96 -39.32
N HIS B 311 3.57 -11.79 -38.28
CA HIS B 311 4.65 -12.76 -38.18
C HIS B 311 4.19 -13.94 -37.32
N SER B 312 4.74 -15.12 -37.62
CA SER B 312 4.56 -16.32 -36.82
C SER B 312 5.92 -16.74 -36.25
N PHE B 313 6.05 -16.74 -34.93
CA PHE B 313 7.29 -17.11 -34.26
C PHE B 313 7.27 -18.62 -34.00
N GLU B 314 8.13 -19.35 -34.70
CA GLU B 314 8.11 -20.81 -34.70
C GLU B 314 9.44 -21.35 -34.19
N SER B 315 9.49 -21.72 -32.90
CA SER B 315 10.56 -22.57 -32.37
C SER B 315 10.07 -23.47 -31.24
N HIS B 316 8.85 -23.26 -30.76
CA HIS B 316 8.34 -24.05 -29.64
C HIS B 316 7.92 -25.45 -30.10
N LYS B 317 7.91 -26.38 -29.15
CA LYS B 317 7.64 -27.79 -29.42
C LYS B 317 6.34 -28.29 -28.83
N ASP B 318 5.68 -27.52 -27.99
CA ASP B 318 4.40 -27.91 -27.41
C ASP B 318 3.58 -26.66 -27.19
N GLU B 319 2.60 -26.76 -26.30
CA GLU B 319 1.57 -25.75 -26.14
C GLU B 319 2.08 -24.55 -25.33
N ILE B 320 1.91 -23.35 -25.87
CA ILE B 320 2.40 -22.10 -25.29
C ILE B 320 1.31 -21.52 -24.39
N PHE B 321 1.63 -21.27 -23.12
CA PHE B 321 0.63 -20.81 -22.17
C PHE B 321 0.81 -19.38 -21.69
N GLN B 322 1.99 -18.79 -21.85
CA GLN B 322 2.22 -17.41 -21.42
C GLN B 322 3.06 -16.70 -22.46
N VAL B 323 2.68 -15.46 -22.78
CA VAL B 323 3.49 -14.58 -23.61
C VAL B 323 3.56 -13.21 -22.90
N GLN B 324 4.77 -12.61 -22.88
CA GLN B 324 5.00 -11.34 -22.20
C GLN B 324 6.03 -10.51 -22.97
N TRP B 325 5.74 -9.24 -23.19
CA TRP B 325 6.71 -8.33 -23.78
C TRP B 325 7.69 -7.82 -22.73
N SER B 326 8.89 -7.47 -23.18
CA SER B 326 9.87 -6.84 -22.31
C SER B 326 9.48 -5.38 -22.04
N PRO B 327 9.56 -4.93 -20.78
CA PRO B 327 9.21 -3.53 -20.48
C PRO B 327 10.36 -2.54 -20.58
N HIS B 328 11.49 -2.93 -21.15
CA HIS B 328 12.64 -2.05 -21.36
C HIS B 328 13.06 -1.96 -22.81
N ASN B 329 12.76 -2.97 -23.62
CA ASN B 329 13.06 -2.95 -25.04
C ASN B 329 11.78 -3.32 -25.78
N GLU B 330 11.45 -2.51 -26.80
CA GLU B 330 10.18 -2.66 -27.51
C GLU B 330 10.19 -3.81 -28.51
N THR B 331 11.36 -4.31 -28.89
CA THR B 331 11.49 -5.36 -29.89
C THR B 331 11.75 -6.73 -29.26
N ILE B 332 11.59 -6.87 -27.94
CA ILE B 332 11.95 -8.10 -27.25
C ILE B 332 10.69 -8.73 -26.67
N LEU B 333 10.41 -9.95 -27.11
CA LEU B 333 9.22 -10.71 -26.76
C LEU B 333 9.65 -12.01 -26.11
N ALA B 334 8.91 -12.46 -25.10
CA ALA B 334 9.20 -13.76 -24.50
C ALA B 334 7.94 -14.61 -24.37
N SER B 335 8.15 -15.93 -24.42
CA SER B 335 7.06 -16.89 -24.43
C SER B 335 7.54 -18.19 -23.78
N SER B 336 6.61 -18.88 -23.11
CA SER B 336 6.91 -20.12 -22.42
C SER B 336 5.73 -21.08 -22.52
N GLY B 337 5.95 -22.33 -22.14
CA GLY B 337 4.88 -23.29 -22.16
C GLY B 337 5.19 -24.70 -21.70
N THR B 338 4.51 -25.68 -22.29
CA THR B 338 4.56 -27.08 -21.87
C THR B 338 5.83 -27.81 -22.31
N ASP B 339 6.61 -27.24 -23.23
CA ASP B 339 7.80 -27.88 -23.76
C ASP B 339 9.08 -27.66 -22.93
N ARG B 340 8.94 -27.16 -21.68
CA ARG B 340 9.99 -26.87 -20.69
C ARG B 340 11.01 -25.84 -21.20
N ARG B 341 10.56 -24.90 -22.02
CA ARG B 341 11.41 -23.93 -22.68
C ARG B 341 10.79 -22.54 -22.55
N LEU B 342 11.62 -21.55 -22.24
CA LEU B 342 11.24 -20.14 -22.31
C LEU B 342 12.06 -19.53 -23.44
N ASN B 343 11.40 -19.19 -24.54
CA ASN B 343 12.08 -18.58 -25.68
C ASN B 343 12.02 -17.06 -25.58
N VAL B 344 13.14 -16.40 -25.89
CA VAL B 344 13.21 -14.95 -25.93
C VAL B 344 13.40 -14.56 -27.40
N TRP B 345 12.51 -13.71 -27.91
CA TRP B 345 12.48 -13.33 -29.31
C TRP B 345 12.97 -11.90 -29.49
N ASP B 346 13.53 -11.63 -30.67
CA ASP B 346 14.02 -10.29 -31.04
C ASP B 346 13.44 -9.95 -32.42
N LEU B 347 12.46 -9.04 -32.46
CA LEU B 347 11.76 -8.78 -33.71
C LEU B 347 12.51 -7.88 -34.68
N SER B 348 13.64 -7.28 -34.28
CA SER B 348 14.47 -6.54 -35.22
C SER B 348 15.31 -7.46 -36.12
N LYS B 349 15.46 -8.73 -35.75
CA LYS B 349 16.17 -9.71 -36.56
C LYS B 349 15.22 -10.56 -37.41
N ILE B 350 13.99 -10.08 -37.63
CA ILE B 350 13.05 -10.77 -38.51
C ILE B 350 13.47 -10.55 -39.95
N GLY B 351 13.72 -11.64 -40.68
CA GLY B 351 14.08 -11.56 -42.06
C GLY B 351 15.57 -11.54 -42.34
N GLU B 352 16.40 -11.75 -41.32
CA GLU B 352 17.84 -11.78 -41.52
C GLU B 352 18.27 -13.07 -42.19
N GLU B 353 19.17 -12.95 -43.16
CA GLU B 353 19.70 -14.11 -43.84
C GLU B 353 20.74 -14.79 -42.96
N GLN B 354 20.62 -16.12 -42.85
CA GLN B 354 21.49 -16.91 -42.00
C GLN B 354 22.34 -17.83 -42.85
N SER B 355 23.25 -18.50 -42.18
CA SER B 355 23.90 -19.68 -42.70
C SER B 355 22.95 -20.88 -42.56
N PRO B 356 23.19 -21.98 -43.30
CA PRO B 356 22.45 -23.23 -43.01
C PRO B 356 22.82 -23.91 -41.68
N GLU B 357 23.96 -23.55 -41.07
CA GLU B 357 24.26 -23.95 -39.70
C GLU B 357 23.28 -23.31 -38.72
N ASP B 358 23.04 -22.02 -38.88
CA ASP B 358 22.16 -21.28 -37.98
C ASP B 358 20.68 -21.50 -38.30
N ALA B 359 20.35 -21.99 -39.50
CA ALA B 359 18.96 -22.23 -39.85
C ALA B 359 18.38 -23.47 -39.19
N GLU B 360 19.22 -24.47 -38.88
CA GLU B 360 18.74 -25.65 -38.17
C GLU B 360 18.50 -25.36 -36.69
N ASP B 361 19.22 -24.38 -36.13
CA ASP B 361 19.02 -24.00 -34.74
C ASP B 361 17.72 -23.23 -34.54
N GLY B 362 17.25 -22.55 -35.57
CA GLY B 362 15.96 -21.91 -35.52
C GLY B 362 15.83 -20.70 -36.43
N PRO B 363 14.78 -19.88 -36.23
CA PRO B 363 14.63 -18.65 -37.01
C PRO B 363 15.58 -17.57 -36.50
N PRO B 364 15.89 -16.53 -37.30
CA PRO B 364 16.86 -15.52 -36.83
C PRO B 364 16.34 -14.57 -35.77
N GLU B 365 15.01 -14.49 -35.59
CA GLU B 365 14.43 -13.69 -34.51
C GLU B 365 14.52 -14.37 -33.15
N LEU B 366 14.80 -15.67 -33.10
CA LEU B 366 14.99 -16.37 -31.83
C LEU B 366 16.34 -16.02 -31.25
N LEU B 367 16.32 -15.37 -30.08
CA LEU B 367 17.52 -14.84 -29.43
C LEU B 367 18.08 -15.77 -28.36
N PHE B 368 17.22 -16.41 -27.57
CA PHE B 368 17.65 -17.16 -26.40
C PHE B 368 16.60 -18.21 -26.06
N ILE B 369 17.06 -19.40 -25.67
CA ILE B 369 16.18 -20.45 -25.15
C ILE B 369 16.61 -20.74 -23.72
N HIS B 370 15.74 -20.44 -22.75
CA HIS B 370 15.98 -20.79 -21.36
C HIS B 370 15.61 -22.26 -21.14
N GLY B 371 16.60 -23.06 -20.77
CA GLY B 371 16.37 -24.48 -20.60
C GLY B 371 16.57 -25.01 -19.19
N GLY B 372 16.05 -24.29 -18.20
CA GLY B 372 16.36 -24.63 -16.83
C GLY B 372 15.32 -25.43 -16.09
N HIS B 373 14.09 -25.36 -16.56
CA HIS B 373 13.00 -26.09 -15.93
C HIS B 373 12.92 -27.49 -16.52
N THR B 374 12.63 -28.47 -15.67
CA THR B 374 12.45 -29.85 -16.07
C THR B 374 10.96 -30.23 -16.13
N ALA B 375 10.07 -29.27 -15.96
CA ALA B 375 8.63 -29.48 -16.05
C ALA B 375 8.03 -28.32 -16.82
N LYS B 376 6.69 -28.31 -16.89
CA LYS B 376 5.94 -27.30 -17.63
C LYS B 376 5.97 -25.95 -16.93
N ILE B 377 6.41 -24.92 -17.65
CA ILE B 377 6.43 -23.56 -17.11
C ILE B 377 5.01 -23.02 -17.05
N SER B 378 4.55 -22.70 -15.85
CA SER B 378 3.19 -22.21 -15.66
C SER B 378 3.10 -20.72 -15.98
N ASP B 379 4.03 -19.92 -15.44
CA ASP B 379 3.97 -18.48 -15.57
C ASP B 379 5.38 -17.91 -15.50
N PHE B 380 5.56 -16.73 -16.08
CA PHE B 380 6.80 -16.00 -15.88
C PHE B 380 6.50 -14.51 -15.79
N SER B 381 7.54 -13.73 -15.46
CA SER B 381 7.40 -12.29 -15.25
C SER B 381 8.74 -11.61 -15.45
N TRP B 382 8.76 -10.56 -16.28
CA TRP B 382 9.95 -9.72 -16.42
C TRP B 382 10.09 -8.80 -15.22
N ASN B 383 11.31 -8.61 -14.75
CA ASN B 383 11.56 -7.66 -13.68
C ASN B 383 11.51 -6.23 -14.23
N PRO B 384 10.64 -5.36 -13.70
CA PRO B 384 10.51 -4.02 -14.28
C PRO B 384 11.60 -3.05 -13.87
N ASN B 385 12.40 -3.39 -12.86
CA ASN B 385 13.45 -2.49 -12.37
C ASN B 385 14.85 -2.97 -12.67
N GLU B 386 15.07 -4.27 -12.74
CA GLU B 386 16.32 -4.81 -13.25
C GLU B 386 16.08 -5.31 -14.66
N PRO B 387 16.75 -4.77 -15.67
CA PRO B 387 16.52 -5.23 -17.05
C PRO B 387 17.14 -6.59 -17.30
N TRP B 388 16.46 -7.34 -18.19
CA TRP B 388 16.72 -8.72 -18.65
C TRP B 388 16.62 -9.78 -17.55
N VAL B 389 15.97 -9.48 -16.43
CA VAL B 389 15.80 -10.41 -15.33
C VAL B 389 14.38 -10.97 -15.40
N ILE B 390 14.28 -12.29 -15.47
CA ILE B 390 13.02 -13.01 -15.56
C ILE B 390 12.95 -13.95 -14.37
N CYS B 391 11.85 -13.88 -13.60
CA CYS B 391 11.44 -14.97 -12.75
C CYS B 391 10.53 -15.89 -13.54
N SER B 392 10.66 -17.20 -13.34
CA SER B 392 9.79 -18.16 -14.02
C SER B 392 9.55 -19.32 -13.08
N VAL B 393 8.30 -19.80 -13.04
CA VAL B 393 7.91 -20.87 -12.13
C VAL B 393 7.41 -22.07 -12.94
N SER B 394 7.50 -23.25 -12.35
CA SER B 394 7.11 -24.46 -13.03
C SER B 394 6.39 -25.41 -12.08
N GLU B 395 6.01 -26.58 -12.60
CA GLU B 395 5.18 -27.53 -11.88
C GLU B 395 5.96 -28.45 -10.96
N ASP B 396 7.28 -28.45 -11.01
CA ASP B 396 8.12 -29.30 -10.16
C ASP B 396 8.70 -28.53 -8.98
N ASN B 397 7.89 -27.59 -8.44
CA ASN B 397 8.20 -26.63 -7.35
C ASN B 397 9.41 -25.74 -7.62
N ILE B 398 9.76 -25.46 -8.88
CA ILE B 398 11.02 -24.79 -9.21
C ILE B 398 10.71 -23.36 -9.64
N MET B 399 11.26 -22.39 -8.90
CA MET B 399 11.26 -21.00 -9.29
C MET B 399 12.68 -20.59 -9.65
N GLN B 400 12.86 -20.02 -10.84
CA GLN B 400 14.18 -19.61 -11.31
C GLN B 400 14.17 -18.11 -11.60
N VAL B 401 14.92 -17.35 -10.82
CA VAL B 401 15.18 -15.94 -11.10
C VAL B 401 16.48 -15.88 -11.88
N TRP B 402 16.42 -15.45 -13.13
CA TRP B 402 17.56 -15.57 -14.00
C TRP B 402 17.68 -14.37 -14.92
N GLN B 403 18.91 -14.14 -15.40
CA GLN B 403 19.23 -13.09 -16.35
C GLN B 403 20.25 -13.67 -17.31
N MET B 404 20.02 -13.50 -18.62
CA MET B 404 20.95 -14.01 -19.61
C MET B 404 22.19 -13.12 -19.68
N ALA B 405 23.22 -13.65 -20.35
CA ALA B 405 24.49 -12.97 -20.49
C ALA B 405 24.36 -11.79 -21.46
N GLU B 406 25.14 -10.74 -21.18
CA GLU B 406 24.91 -9.41 -21.73
C GLU B 406 25.35 -9.32 -23.19
N ASN B 407 26.32 -10.11 -23.60
CA ASN B 407 26.80 -10.10 -24.98
C ASN B 407 25.94 -10.91 -25.94
N ILE B 408 24.91 -11.60 -25.45
CA ILE B 408 23.94 -12.26 -26.32
C ILE B 408 23.04 -11.23 -27.00
N TYR B 409 22.49 -10.29 -26.23
CA TYR B 409 21.58 -9.30 -26.79
C TYR B 409 22.29 -8.02 -27.27
N ASN B 410 23.36 -7.60 -26.60
CA ASN B 410 24.05 -6.36 -26.96
C ASN B 410 25.06 -6.68 -28.04
N ASP B 411 24.81 -6.19 -29.25
CA ASP B 411 25.68 -6.47 -30.39
C ASP B 411 25.81 -5.23 -31.28
C ACE C 1 -16.50 25.72 39.84
O ACE C 1 -16.09 24.55 39.79
CH3 ACE C 1 -15.71 26.79 40.51
N CYS C 2 -17.65 26.12 39.31
CA CYS C 2 -18.60 25.26 38.60
C CYS C 2 -18.02 24.82 37.26
N THR C 3 -17.31 25.74 36.60
CA THR C 3 -16.73 25.52 35.28
C THR C 3 -15.53 24.58 35.34
N LYS C 4 -14.74 24.65 36.40
CA LYS C 4 -13.55 23.80 36.51
C LYS C 4 -13.90 22.37 36.92
N ARG C 5 -14.97 22.19 37.70
CA ARG C 5 -15.42 20.85 38.08
C ARG C 5 -16.17 20.17 36.94
N CYS C 6 -16.77 20.98 36.07
CA CYS C 6 -17.48 20.45 34.86
C CYS C 6 -16.52 20.06 33.78
N ALA C 7 -15.32 20.64 33.81
CA ALA C 7 -14.25 20.35 32.84
C ALA C 7 -13.69 18.95 33.03
N ARG C 8 -13.64 18.53 34.29
CA ARG C 8 -13.17 17.21 34.66
C ARG C 8 -14.28 16.18 34.72
N ARG C 9 -15.55 16.61 34.76
CA ARG C 9 -16.70 15.71 34.66
C ARG C 9 -17.61 16.14 33.50
N PRO C 10 -17.23 15.87 32.24
CA PRO C 10 -18.09 16.32 31.13
C PRO C 10 -19.31 15.44 30.89
N TYR C 11 -19.36 14.25 31.48
CA TYR C 11 -20.51 13.35 31.40
C TYR C 11 -21.38 13.43 32.64
N LYS C 12 -21.14 14.38 33.53
CA LYS C 12 -22.02 14.59 34.68
C LYS C 12 -23.24 15.39 34.25
N PRO C 13 -24.47 14.93 34.58
CA PRO C 13 -25.65 15.60 34.02
C PRO C 13 -26.09 16.82 34.81
N CYS C 14 -25.71 16.90 36.09
CA CYS C 14 -26.12 17.91 37.15
C CYS C 14 -27.54 18.44 37.11
N ALA C 15 -28.49 17.51 36.94
CA ALA C 15 -29.90 17.84 36.77
C ALA C 15 -30.76 16.65 37.20
N NH2 C 16 -31.48 16.00 36.29
C ACE D 1 29.19 -17.22 -31.47
O ACE D 1 28.19 -17.88 -31.76
CH3 ACE D 1 29.50 -15.91 -32.14
N CYS D 2 30.09 -17.61 -30.57
CA CYS D 2 30.01 -18.83 -29.78
C CYS D 2 28.88 -18.75 -28.75
N THR D 3 28.74 -17.56 -28.15
CA THR D 3 27.73 -17.34 -27.12
C THR D 3 26.34 -17.23 -27.73
N LYS D 4 26.24 -16.70 -28.95
CA LYS D 4 24.95 -16.55 -29.61
C LYS D 4 24.42 -17.86 -30.18
N ARG D 5 25.31 -18.77 -30.60
CA ARG D 5 24.88 -20.08 -31.07
C ARG D 5 24.53 -21.01 -29.91
N CYS D 6 25.12 -20.75 -28.75
CA CYS D 6 24.80 -21.52 -27.52
C CYS D 6 23.51 -21.08 -26.93
N ALA D 7 23.14 -19.83 -27.20
CA ALA D 7 21.89 -19.23 -26.74
C ALA D 7 20.68 -19.86 -27.42
N ARG D 8 20.87 -20.23 -28.69
CA ARG D 8 19.82 -20.88 -29.45
C ARG D 8 19.86 -22.40 -29.36
N ARG D 9 21.00 -22.98 -28.98
CA ARG D 9 21.11 -24.42 -28.70
C ARG D 9 21.68 -24.67 -27.31
N PRO D 10 20.90 -24.48 -26.22
CA PRO D 10 21.47 -24.67 -24.88
C PRO D 10 21.60 -26.13 -24.45
N TYR D 11 21.00 -27.08 -25.17
CA TYR D 11 21.16 -28.49 -24.91
C TYR D 11 22.24 -29.13 -25.78
N LYS D 12 22.97 -28.33 -26.56
CA LYS D 12 24.07 -28.82 -27.37
C LYS D 12 25.34 -28.90 -26.52
N PRO D 13 26.08 -30.04 -26.54
CA PRO D 13 27.15 -30.25 -25.55
C PRO D 13 28.58 -29.74 -25.82
N CYS D 14 28.86 -29.13 -26.98
CA CYS D 14 30.26 -28.75 -27.50
C CYS D 14 31.47 -29.63 -27.25
N ALA D 15 31.27 -30.94 -27.23
CA ALA D 15 32.34 -31.87 -26.88
C ALA D 15 33.06 -32.42 -28.11
N NH2 D 16 33.49 -31.54 -29.02
C1 SEZ E . -20.79 22.26 33.08
C2 SEZ E . -22.63 25.59 36.35
CD SEZ E . -25.24 21.43 35.25
CE SEZ E . -24.04 22.32 35.05
CZ1 SEZ E . -23.01 21.90 34.20
CZ2 SEZ E . -23.90 23.50 35.78
CH SEZ E . -21.76 23.90 34.72
CT1 SEZ E . -21.88 22.70 34.02
CT2 SEZ E . -22.77 24.30 35.59
C1 SEZ F . 27.05 -23.23 -26.33
C2 SEZ F . 31.24 -22.02 -28.84
CD SEZ F . 31.40 -25.33 -25.05
CE SEZ F . 30.62 -24.38 -25.92
CZ1 SEZ F . 29.25 -24.23 -25.73
CZ2 SEZ F . 31.27 -23.67 -26.93
CH SEZ F . 29.17 -22.66 -27.56
CT1 SEZ F . 28.53 -23.37 -26.54
CT2 SEZ F . 30.55 -22.80 -27.75
#